data_4PXC
#
_entry.id   4PXC
#
_cell.length_a   70.504
_cell.length_b   89.741
_cell.length_c   164.081
_cell.angle_alpha   90.000
_cell.angle_beta   90.000
_cell.angle_gamma   90.000
#
_symmetry.space_group_name_H-M   'P 21 21 21'
#
loop_
_entity.id
_entity.type
_entity.pdbx_description
1 polymer 'Ureidoglycolate hydrolase'
2 non-polymer 'MANGANESE (II) ION'
3 non-polymer '(2S)-amino(hydroxy)ethanoic acid'
4 water water
#
_entity_poly.entity_id   1
_entity_poly.type   'polypeptide(L)'
_entity_poly.pdbx_seq_one_letter_code
;GHMFGSINLASSLSVDAPGLQNQIDELSSFSDAPSPSVTRVLYTDKDVSARRYVKNLMALAGLTVREDAVGNIFGKWDGL
EPNLPAVATGSHIDAIPYSGKYDGVVGVLGAIEAINVLKRSGFKPKRSLEIILFTSAEPTRFGISCLGSRLLAGSKELAE
ALKTTVVDGQNVSFIEAARSAGYAEDKDDDLSSVFLKKGSYFAFLELHIEQGPILEDEGLDIGVVTAIAAPASLKVEFEG
NGGHAGAVLMPYRNDAGLAAAELALAVEKHVLESESIDTVGTVGILELHPGAINSIPSKSHLEIDTRDIDEARRNTVIKK
IQESANTIAKKRKVKLSEFKIVNQDPPALSDKLVIKKMAEAATELNLSHKMMISRAYHDSLFMARISPMGMIFIPCYKGY
SHKPEEYSSPEDMANGVKVLSLTLAKLSLD
;
_entity_poly.pdbx_strand_id   A,B
#
loop_
_chem_comp.id
_chem_comp.type
_chem_comp.name
_chem_comp.formula
MN non-polymer 'MANGANESE (II) ION' 'Mn 2'
#
# COMPACT_ATOMS: atom_id res chain seq x y z
N ASN A 8 16.18 37.33 40.43
CA ASN A 8 15.42 36.16 40.85
C ASN A 8 15.67 34.93 39.98
N LEU A 9 14.99 33.83 40.30
CA LEU A 9 15.12 32.61 39.50
C LEU A 9 14.78 32.87 38.02
N ALA A 10 13.63 33.50 37.77
CA ALA A 10 13.21 33.78 36.41
C ALA A 10 14.25 34.53 35.59
N SER A 11 14.82 35.58 36.16
CA SER A 11 15.74 36.42 35.39
C SER A 11 17.06 35.69 35.12
N SER A 12 17.34 34.66 35.90
CA SER A 12 18.60 33.93 35.83
C SER A 12 18.55 32.80 34.80
N LEU A 13 17.36 32.43 34.36
CA LEU A 13 17.21 31.30 33.42
C LEU A 13 17.82 31.62 32.06
N SER A 14 18.73 30.77 31.62
CA SER A 14 19.45 30.98 30.37
C SER A 14 19.52 29.66 29.61
N VAL A 15 19.04 29.67 28.37
CA VAL A 15 18.98 28.45 27.58
C VAL A 15 20.07 28.50 26.52
N ASP A 16 20.71 27.37 26.27
CA ASP A 16 21.63 27.27 25.15
C ASP A 16 20.80 26.97 23.88
N ALA A 17 20.32 28.03 23.24
CA ALA A 17 19.42 27.89 22.07
C ALA A 17 20.03 27.19 20.85
N PRO A 18 21.25 27.60 20.42
CA PRO A 18 21.84 26.86 19.29
C PRO A 18 22.17 25.43 19.66
N GLY A 19 22.55 25.19 20.90
CA GLY A 19 22.87 23.84 21.37
C GLY A 19 21.66 22.93 21.38
N LEU A 20 20.52 23.47 21.81
CA LEU A 20 19.28 22.72 21.73
C LEU A 20 18.91 22.40 20.29
N GLN A 21 19.08 23.40 19.40
CA GLN A 21 18.84 23.18 17.98
C GLN A 21 19.74 22.09 17.44
N ASN A 22 21.01 22.11 17.84
CA ASN A 22 21.95 21.08 17.37
C ASN A 22 21.50 19.69 17.78
N GLN A 23 20.92 19.56 18.96
CA GLN A 23 20.41 18.26 19.43
C GLN A 23 19.15 17.83 18.67
N ILE A 24 18.27 18.80 18.38
CA ILE A 24 17.14 18.52 17.48
C ILE A 24 17.64 17.94 16.17
N ASP A 25 18.65 18.57 15.59
CA ASP A 25 19.17 18.15 14.28
C ASP A 25 19.84 16.78 14.34
N GLU A 26 20.60 16.55 15.41
CA GLU A 26 21.27 15.27 15.58
C GLU A 26 20.26 14.12 15.72
N LEU A 27 19.23 14.33 16.52
CA LEU A 27 18.21 13.30 16.70
C LEU A 27 17.48 13.02 15.39
N SER A 28 17.33 14.04 14.56
CA SER A 28 16.61 13.88 13.30
C SER A 28 17.37 12.93 12.34
N SER A 29 18.66 12.70 12.59
CA SER A 29 19.43 11.78 11.76
C SER A 29 19.01 10.32 11.93
N PHE A 30 18.42 9.98 13.08
CA PHE A 30 17.94 8.61 13.31
C PHE A 30 16.59 8.44 12.62
N SER A 31 16.62 8.17 11.31
CA SER A 31 15.42 8.24 10.51
C SER A 31 15.44 7.23 9.37
N ASP A 32 14.28 6.66 9.07
CA ASP A 32 14.15 5.78 7.91
C ASP A 32 13.78 6.56 6.65
N ALA A 33 13.57 7.86 6.80
CA ALA A 33 13.37 8.72 5.64
C ALA A 33 14.54 9.68 5.53
N PRO A 34 14.90 10.05 4.28
CA PRO A 34 15.99 11.01 4.11
C PRO A 34 15.57 12.43 4.55
N SER A 35 16.50 13.15 5.15
CA SER A 35 16.30 14.55 5.51
C SER A 35 15.77 15.31 4.29
N PRO A 36 14.85 16.28 4.50
CA PRO A 36 14.42 16.83 5.78
C PRO A 36 13.29 16.06 6.47
N SER A 37 12.80 14.98 5.86
CA SER A 37 11.76 14.18 6.49
C SER A 37 12.32 13.29 7.58
N VAL A 38 11.44 12.92 8.50
CA VAL A 38 11.80 11.99 9.56
C VAL A 38 10.78 10.87 9.54
N THR A 39 11.28 9.63 9.62
CA THR A 39 10.42 8.49 9.97
C THR A 39 11.14 7.73 11.07
N ARG A 40 10.47 7.56 12.21
CA ARG A 40 11.07 6.81 13.29
C ARG A 40 9.97 6.08 14.06
N VAL A 41 9.89 4.77 13.82
CA VAL A 41 8.80 3.96 14.34
C VAL A 41 9.20 3.15 15.58
N LEU A 42 8.29 3.09 16.54
CA LEU A 42 8.43 2.31 17.76
C LEU A 42 9.15 0.97 17.59
N TYR A 43 10.20 0.78 18.40
CA TYR A 43 11.01 -0.44 18.53
C TYR A 43 11.94 -0.77 17.36
N THR A 44 11.90 0.00 16.28
CA THR A 44 12.82 -0.23 15.17
C THR A 44 14.23 0.21 15.54
N ASP A 45 15.21 -0.10 14.69
CA ASP A 45 16.60 0.26 14.95
C ASP A 45 16.79 1.77 15.15
N LYS A 46 16.07 2.57 14.35
CA LYS A 46 16.14 4.02 14.48
C LYS A 46 15.63 4.51 15.83
N ASP A 47 14.56 3.88 16.32
CA ASP A 47 13.99 4.21 17.62
C ASP A 47 14.99 3.87 18.72
N VAL A 48 15.62 2.70 18.61
CA VAL A 48 16.64 2.30 19.58
C VAL A 48 17.82 3.28 19.62
N SER A 49 18.26 3.74 18.45
CA SER A 49 19.34 4.70 18.40
C SER A 49 18.96 6.00 19.08
N ALA A 50 17.73 6.46 18.84
CA ALA A 50 17.28 7.71 19.44
C ALA A 50 17.11 7.58 20.95
N ARG A 51 16.62 6.43 21.39
CA ARG A 51 16.50 6.14 22.82
C ARG A 51 17.84 6.27 23.53
N ARG A 52 18.89 5.72 22.90
CA ARG A 52 20.22 5.74 23.49
C ARG A 52 20.75 7.17 23.57
N TYR A 53 20.47 7.95 22.53
CA TYR A 53 20.89 9.34 22.50
C TYR A 53 20.25 10.12 23.64
N VAL A 54 18.95 9.90 23.87
CA VAL A 54 18.25 10.62 24.93
C VAL A 54 18.71 10.16 26.32
N LYS A 55 18.88 8.84 26.48
CA LYS A 55 19.35 8.31 27.75
C LYS A 55 20.75 8.83 28.09
N ASN A 56 21.61 8.95 27.08
CA ASN A 56 22.92 9.57 27.27
C ASN A 56 22.80 11.01 27.80
N LEU A 57 21.93 11.81 27.19
CA LEU A 57 21.71 13.18 27.67
C LEU A 57 21.17 13.23 29.10
N MET A 58 20.27 12.31 29.43
CA MET A 58 19.73 12.25 30.80
C MET A 58 20.84 11.97 31.81
N ALA A 59 21.73 11.04 31.48
CA ALA A 59 22.83 10.71 32.37
C ALA A 59 23.78 11.89 32.51
N LEU A 60 24.06 12.58 31.40
CA LEU A 60 24.94 13.74 31.43
C LEU A 60 24.37 14.85 32.28
N ALA A 61 23.04 14.95 32.33
CA ALA A 61 22.39 15.95 33.17
C ALA A 61 22.25 15.47 34.61
N GLY A 62 22.85 14.33 34.92
CA GLY A 62 22.89 13.82 36.30
C GLY A 62 21.59 13.20 36.78
N LEU A 63 20.77 12.70 35.86
CA LEU A 63 19.48 12.15 36.23
C LEU A 63 19.59 10.65 36.54
N THR A 64 18.77 10.17 37.46
CA THR A 64 18.65 8.73 37.69
C THR A 64 17.81 8.17 36.57
N VAL A 65 18.38 7.26 35.78
CA VAL A 65 17.70 6.79 34.59
C VAL A 65 17.14 5.38 34.78
N ARG A 66 15.87 5.18 34.47
CA ARG A 66 15.31 3.84 34.50
C ARG A 66 14.31 3.67 33.37
N GLU A 67 13.95 2.41 33.12
CA GLU A 67 13.00 2.06 32.06
C GLU A 67 11.98 1.08 32.61
N ASP A 68 10.74 1.16 32.14
CA ASP A 68 9.76 0.15 32.52
C ASP A 68 9.64 -0.96 31.48
N ALA A 69 8.69 -1.86 31.69
CA ALA A 69 8.58 -3.07 30.88
C ALA A 69 8.34 -2.82 29.40
N VAL A 70 7.77 -1.66 29.06
CA VAL A 70 7.49 -1.33 27.65
C VAL A 70 8.42 -0.27 27.09
N GLY A 71 9.35 0.22 27.89
CA GLY A 71 10.32 1.17 27.38
C GLY A 71 9.99 2.64 27.56
N ASN A 72 8.99 2.96 28.40
CA ASN A 72 8.94 4.32 28.91
C ASN A 72 10.26 4.55 29.66
N ILE A 73 10.85 5.71 29.48
CA ILE A 73 12.16 6.02 30.04
C ILE A 73 12.03 7.19 31.01
N PHE A 74 12.62 7.04 32.19
CA PHE A 74 12.45 8.04 33.25
C PHE A 74 13.80 8.60 33.69
N GLY A 75 13.89 9.92 33.83
CA GLY A 75 15.10 10.56 34.32
C GLY A 75 14.79 11.49 35.49
N LYS A 76 15.24 11.12 36.69
CA LYS A 76 14.85 11.87 37.89
C LYS A 76 15.97 12.69 38.53
N TRP A 77 15.62 13.93 38.89
CA TRP A 77 16.46 14.79 39.72
C TRP A 77 15.84 14.74 41.13
N ASP A 78 16.54 14.11 42.08
CA ASP A 78 15.99 13.92 43.42
C ASP A 78 15.86 15.23 44.18
N GLY A 79 14.69 15.48 44.75
CA GLY A 79 14.47 16.69 45.51
C GLY A 79 14.85 16.53 46.98
N LEU A 80 14.72 17.61 47.74
CA LEU A 80 15.01 17.61 49.16
C LEU A 80 14.02 16.74 49.92
N GLU A 81 12.85 16.54 49.31
CA GLU A 81 11.82 15.67 49.90
C GLU A 81 11.41 14.61 48.90
N PRO A 82 12.28 13.61 48.70
CA PRO A 82 12.13 12.66 47.60
C PRO A 82 10.95 11.71 47.74
N ASN A 83 10.36 11.62 48.94
CA ASN A 83 9.21 10.76 49.15
C ASN A 83 7.90 11.37 48.67
N LEU A 84 7.88 12.69 48.49
CA LEU A 84 6.72 13.37 47.93
C LEU A 84 6.53 12.94 46.46
N PRO A 85 5.27 12.91 46.00
CA PRO A 85 5.02 12.71 44.57
C PRO A 85 5.76 13.79 43.73
N ALA A 86 6.48 13.34 42.71
CA ALA A 86 7.36 14.21 41.94
C ALA A 86 6.58 15.05 40.93
N VAL A 87 7.24 16.07 40.39
CA VAL A 87 6.67 16.85 39.29
C VAL A 87 7.26 16.28 38.01
N ALA A 88 6.39 15.82 37.11
CA ALA A 88 6.81 15.12 35.91
C ALA A 88 6.61 15.96 34.66
N THR A 89 7.42 15.67 33.65
CA THR A 89 7.29 16.35 32.37
C THR A 89 7.90 15.46 31.31
N GLY A 90 7.37 15.53 30.09
CA GLY A 90 7.95 14.74 29.02
C GLY A 90 7.09 14.68 27.79
N SER A 91 7.53 13.90 26.81
CA SER A 91 6.83 13.78 25.55
C SER A 91 7.40 12.57 24.83
N HIS A 92 7.25 12.51 23.51
CA HIS A 92 7.63 11.33 22.76
C HIS A 92 8.69 11.68 21.72
N ILE A 93 9.37 10.69 21.18
CA ILE A 93 10.32 10.99 20.09
C ILE A 93 10.03 10.18 18.83
N ASP A 94 9.01 9.34 18.86
CA ASP A 94 8.65 8.64 17.62
C ASP A 94 8.03 9.61 16.60
N ALA A 95 8.14 9.26 15.33
CA ALA A 95 7.74 10.15 14.24
C ALA A 95 7.05 9.34 13.18
N ILE A 96 5.86 9.78 12.79
CA ILE A 96 5.15 9.07 11.72
C ILE A 96 5.91 9.25 10.40
N PRO A 97 5.62 8.40 9.40
CA PRO A 97 6.31 8.45 8.11
C PRO A 97 6.30 9.84 7.46
N TYR A 98 7.50 10.30 7.09
CA TYR A 98 7.68 11.57 6.39
C TYR A 98 7.11 12.77 7.15
N SER A 99 7.53 12.88 8.42
CA SER A 99 7.07 13.96 9.27
C SER A 99 8.24 14.89 9.62
N GLY A 100 8.05 15.73 10.64
CA GLY A 100 9.04 16.73 11.00
C GLY A 100 9.98 16.33 12.12
N LYS A 101 10.80 17.28 12.55
CA LYS A 101 11.83 17.04 13.57
C LYS A 101 11.47 17.58 14.95
N TYR A 102 10.32 18.24 15.08
CA TYR A 102 10.01 18.99 16.31
C TYR A 102 8.86 18.40 17.11
N ASP A 103 7.94 17.77 16.42
CA ASP A 103 6.81 17.11 17.08
C ASP A 103 7.32 16.11 18.13
N GLY A 104 6.94 16.33 19.39
CA GLY A 104 7.34 15.45 20.47
C GLY A 104 8.76 15.72 20.96
N VAL A 105 9.71 15.74 20.04
CA VAL A 105 11.11 15.92 20.40
C VAL A 105 11.38 17.19 21.21
N VAL A 106 10.70 18.28 20.89
CA VAL A 106 10.91 19.52 21.66
C VAL A 106 10.61 19.30 23.15
N GLY A 107 9.60 18.50 23.44
CA GLY A 107 9.21 18.26 24.83
C GLY A 107 10.09 17.26 25.57
N VAL A 108 10.94 16.54 24.83
CA VAL A 108 11.87 15.60 25.46
C VAL A 108 13.21 16.29 25.61
N LEU A 109 13.79 16.74 24.48
CA LEU A 109 15.07 17.44 24.52
C LEU A 109 14.94 18.73 25.31
N GLY A 110 13.80 19.41 25.17
CA GLY A 110 13.56 20.64 25.90
C GLY A 110 13.34 20.45 27.38
N ALA A 111 12.83 19.28 27.78
CA ALA A 111 12.68 18.98 29.21
C ALA A 111 14.06 18.75 29.84
N ILE A 112 14.92 18.05 29.11
CA ILE A 112 16.28 17.81 29.60
C ILE A 112 17.00 19.14 29.74
N GLU A 113 16.82 20.01 28.73
CA GLU A 113 17.41 21.35 28.76
C GLU A 113 16.86 22.16 29.92
N ALA A 114 15.57 22.00 30.20
CA ALA A 114 14.96 22.67 31.36
C ALA A 114 15.63 22.26 32.67
N ILE A 115 15.96 20.97 32.79
CA ILE A 115 16.71 20.49 33.95
C ILE A 115 18.09 21.15 34.04
N ASN A 116 18.81 21.21 32.92
CA ASN A 116 20.12 21.84 32.90
C ASN A 116 20.05 23.34 33.17
N VAL A 117 18.97 23.98 32.70
CA VAL A 117 18.75 25.39 32.95
C VAL A 117 18.60 25.65 34.45
N LEU A 118 17.78 24.83 35.10
CA LEU A 118 17.56 24.94 36.54
C LEU A 118 18.83 24.64 37.34
N LYS A 119 19.59 23.64 36.92
CA LYS A 119 20.84 23.33 37.60
C LYS A 119 21.85 24.48 37.49
N ARG A 120 21.93 25.10 36.31
CA ARG A 120 22.82 26.25 36.10
C ARG A 120 22.44 27.44 36.99
N SER A 121 21.15 27.57 37.28
CA SER A 121 20.67 28.66 38.14
C SER A 121 20.73 28.32 39.63
N GLY A 122 21.19 27.12 39.96
CA GLY A 122 21.32 26.71 41.35
C GLY A 122 20.00 26.37 42.03
N PHE A 123 19.00 25.99 41.25
CA PHE A 123 17.70 25.65 41.81
C PHE A 123 17.76 24.40 42.68
N LYS A 124 17.07 24.45 43.82
CA LYS A 124 17.03 23.34 44.75
C LYS A 124 15.59 22.81 44.86
N PRO A 125 15.30 21.74 44.13
CA PRO A 125 13.94 21.20 44.15
C PRO A 125 13.57 20.65 45.52
N LYS A 126 12.31 20.88 45.92
CA LYS A 126 11.75 20.22 47.09
C LYS A 126 11.19 18.86 46.65
N ARG A 127 10.13 18.90 45.85
CA ARG A 127 9.69 17.70 45.15
C ARG A 127 10.69 17.39 44.06
N SER A 128 10.95 16.10 43.86
CA SER A 128 11.78 15.67 42.75
C SER A 128 11.19 16.10 41.41
N LEU A 129 12.04 16.24 40.40
CA LEU A 129 11.59 16.47 39.04
C LEU A 129 11.93 15.24 38.24
N GLU A 130 10.99 14.77 37.43
CA GLU A 130 11.24 13.58 36.63
C GLU A 130 10.81 13.78 35.19
N ILE A 131 11.73 13.46 34.29
CA ILE A 131 11.47 13.57 32.86
C ILE A 131 11.04 12.22 32.31
N ILE A 132 9.99 12.23 31.52
CA ILE A 132 9.51 11.00 30.90
C ILE A 132 9.65 11.04 29.41
N LEU A 133 10.40 10.08 28.87
CA LEU A 133 10.33 9.79 27.45
C LEU A 133 9.30 8.69 27.30
N PHE A 134 8.12 9.04 26.80
CA PHE A 134 7.08 8.05 26.56
C PHE A 134 7.52 7.12 25.45
N THR A 135 7.23 5.83 25.59
CA THR A 135 7.82 4.84 24.70
C THR A 135 7.38 5.04 23.25
N SER A 136 6.20 5.63 23.07
CA SER A 136 5.65 5.92 21.75
C SER A 136 4.32 6.65 21.93
N ALA A 137 4.11 7.71 21.15
CA ALA A 137 2.81 8.38 21.13
C ALA A 137 2.05 8.17 19.82
N GLU A 138 2.77 7.90 18.73
CA GLU A 138 2.16 7.73 17.42
C GLU A 138 1.64 6.31 17.20
N PRO A 139 0.53 6.19 16.45
CA PRO A 139 -0.12 4.89 16.25
C PRO A 139 0.45 4.12 15.05
N THR A 140 1.54 4.60 14.46
CA THR A 140 2.09 4.03 13.21
C THR A 140 2.19 2.50 13.20
N ARG A 141 2.79 1.93 14.24
CA ARG A 141 3.14 0.51 14.16
C ARG A 141 2.00 -0.45 14.47
N PHE A 142 1.32 -0.22 15.59
CA PHE A 142 0.30 -1.16 16.04
C PHE A 142 -1.10 -0.57 16.02
N GLY A 143 -1.24 0.63 15.46
CA GLY A 143 -2.54 1.28 15.38
C GLY A 143 -3.00 1.84 16.72
N ILE A 144 -2.11 1.79 17.72
CA ILE A 144 -2.41 2.28 19.05
C ILE A 144 -1.64 3.57 19.33
N SER A 145 -2.36 4.66 19.59
CA SER A 145 -1.72 5.92 19.92
C SER A 145 -1.39 5.95 21.41
N CYS A 146 -0.42 6.78 21.80
CA CYS A 146 -0.03 6.93 23.21
C CYS A 146 0.10 5.61 23.97
N LEU A 147 0.75 4.63 23.35
CA LEU A 147 0.83 3.29 23.92
C LEU A 147 1.42 3.33 25.32
N GLY A 148 2.46 4.14 25.50
CA GLY A 148 3.13 4.23 26.79
C GLY A 148 2.28 4.87 27.87
N SER A 149 1.70 6.04 27.59
CA SER A 149 0.91 6.73 28.62
C SER A 149 -0.45 6.07 28.88
N ARG A 150 -1.00 5.38 27.90
CA ARG A 150 -2.25 4.64 28.13
C ARG A 150 -2.00 3.54 29.17
N LEU A 151 -0.81 2.93 29.12
CA LEU A 151 -0.44 1.93 30.12
C LEU A 151 -0.09 2.55 31.46
N LEU A 152 0.60 3.69 31.45
CA LEU A 152 0.86 4.38 32.70
C LEU A 152 -0.46 4.75 33.40
N ALA A 153 -1.47 5.11 32.61
CA ALA A 153 -2.78 5.49 33.15
C ALA A 153 -3.66 4.29 33.54
N GLY A 154 -3.14 3.08 33.38
CA GLY A 154 -3.76 1.90 33.97
C GLY A 154 -4.72 1.09 33.10
N SER A 155 -4.57 1.15 31.78
CA SER A 155 -5.48 0.44 30.89
C SER A 155 -5.25 -1.08 30.88
N LYS A 156 -6.05 -1.81 31.65
CA LYS A 156 -5.97 -3.27 31.68
C LYS A 156 -6.34 -3.83 30.32
N GLU A 157 -7.35 -3.22 29.71
CA GLU A 157 -7.80 -3.60 28.37
C GLU A 157 -6.65 -3.57 27.37
N LEU A 158 -5.84 -2.51 27.41
CA LEU A 158 -4.71 -2.42 26.50
C LEU A 158 -3.62 -3.43 26.83
N ALA A 159 -3.29 -3.57 28.12
CA ALA A 159 -2.26 -4.51 28.55
C ALA A 159 -2.60 -5.92 28.09
N GLU A 160 -3.86 -6.30 28.25
CA GLU A 160 -4.33 -7.62 27.83
C GLU A 160 -4.18 -7.81 26.32
N ALA A 161 -4.61 -6.81 25.55
CA ALA A 161 -4.50 -6.89 24.10
C ALA A 161 -3.04 -6.98 23.64
N LEU A 162 -2.16 -6.19 24.25
CA LEU A 162 -0.74 -6.22 23.89
C LEU A 162 -0.12 -7.59 24.11
N LYS A 163 -0.59 -8.29 25.14
CA LYS A 163 -0.08 -9.62 25.45
C LYS A 163 -0.69 -10.72 24.60
N THR A 164 -1.90 -10.49 24.08
CA THR A 164 -2.66 -11.59 23.45
C THR A 164 -2.86 -11.50 21.94
N THR A 165 -3.22 -10.32 21.43
CA THR A 165 -3.62 -10.20 20.03
C THR A 165 -2.83 -9.20 19.17
N VAL A 166 -2.22 -8.19 19.80
CA VAL A 166 -1.69 -7.06 19.01
C VAL A 166 -0.49 -7.45 18.15
N VAL A 167 -0.60 -7.17 16.86
CA VAL A 167 0.49 -7.34 15.92
C VAL A 167 0.60 -6.12 15.01
N ASP A 168 1.72 -5.99 14.32
CA ASP A 168 1.86 -4.90 13.35
C ASP A 168 1.47 -5.35 11.94
N GLY A 169 1.70 -4.47 10.96
CA GLY A 169 1.30 -4.74 9.59
C GLY A 169 2.10 -5.84 8.92
N GLN A 170 3.20 -6.26 9.56
CA GLN A 170 4.01 -7.35 9.03
C GLN A 170 3.81 -8.60 9.88
N ASN A 171 2.76 -8.57 10.71
CA ASN A 171 2.43 -9.66 11.62
C ASN A 171 3.49 -9.97 12.69
N VAL A 172 4.32 -8.97 13.00
CA VAL A 172 5.20 -9.04 14.17
C VAL A 172 4.38 -8.70 15.42
N SER A 173 4.45 -9.53 16.45
CA SER A 173 3.66 -9.26 17.64
C SER A 173 4.29 -8.13 18.43
N PHE A 174 3.48 -7.48 19.26
CA PHE A 174 4.01 -6.44 20.15
C PHE A 174 5.13 -6.99 21.02
N ILE A 175 4.94 -8.18 21.57
CA ILE A 175 5.95 -8.79 22.43
C ILE A 175 7.25 -9.02 21.68
N GLU A 176 7.15 -9.50 20.45
CA GLU A 176 8.34 -9.77 19.65
C GLU A 176 9.09 -8.47 19.30
N ALA A 177 8.35 -7.43 18.95
CA ALA A 177 8.96 -6.13 18.62
C ALA A 177 9.64 -5.53 19.85
N ALA A 178 8.94 -5.56 20.97
CA ALA A 178 9.47 -5.02 22.22
C ALA A 178 10.75 -5.74 22.62
N ARG A 179 10.75 -7.06 22.49
CA ARG A 179 11.92 -7.86 22.85
C ARG A 179 13.11 -7.60 21.94
N SER A 180 12.85 -7.34 20.65
CA SER A 180 13.92 -7.04 19.70
C SER A 180 14.63 -5.72 20.08
N ALA A 181 13.91 -4.84 20.77
CA ALA A 181 14.47 -3.55 21.19
C ALA A 181 14.96 -3.57 22.63
N GLY A 182 14.88 -4.75 23.25
CA GLY A 182 15.44 -4.95 24.59
C GLY A 182 14.45 -4.87 25.73
N TYR A 183 13.16 -4.94 25.43
CA TYR A 183 12.11 -4.76 26.44
C TYR A 183 11.18 -5.97 26.59
N ALA A 184 10.26 -5.86 27.55
CA ALA A 184 9.16 -6.83 27.76
C ALA A 184 9.58 -8.29 27.72
N GLU A 185 10.61 -8.63 28.50
CA GLU A 185 11.18 -9.97 28.47
C GLU A 185 10.66 -10.87 29.60
N ASP A 186 9.52 -10.52 30.21
CA ASP A 186 9.00 -11.28 31.35
C ASP A 186 7.64 -11.90 31.09
N LYS A 187 7.62 -13.23 31.02
CA LYS A 187 6.40 -13.98 30.68
C LYS A 187 5.36 -13.96 31.79
N ASP A 188 5.80 -13.61 33.00
CA ASP A 188 4.89 -13.52 34.14
C ASP A 188 4.27 -12.14 34.24
N ASP A 189 4.83 -11.19 33.49
CA ASP A 189 4.32 -9.82 33.50
C ASP A 189 3.19 -9.66 32.50
N ASP A 190 2.02 -9.25 32.99
CA ASP A 190 0.89 -8.97 32.13
C ASP A 190 0.89 -7.49 31.77
N LEU A 191 2.03 -6.84 32.04
CA LEU A 191 2.29 -5.41 31.80
C LEU A 191 1.61 -4.50 32.82
N SER A 192 0.96 -5.09 33.81
CA SER A 192 0.40 -4.30 34.91
C SER A 192 1.50 -3.61 35.71
N SER A 193 2.74 -4.09 35.61
CA SER A 193 3.89 -3.45 36.25
C SER A 193 4.09 -2.01 35.79
N VAL A 194 3.58 -1.69 34.61
CA VAL A 194 3.75 -0.36 34.02
C VAL A 194 2.83 0.66 34.69
N PHE A 195 1.70 0.18 35.19
CA PHE A 195 0.66 1.04 35.76
C PHE A 195 1.18 1.95 36.86
N LEU A 196 0.81 3.23 36.78
CA LEU A 196 1.05 4.18 37.86
C LEU A 196 -0.20 4.34 38.72
N LYS A 197 -0.01 4.46 40.03
CA LYS A 197 -1.11 4.78 40.94
C LYS A 197 -1.54 6.24 40.72
N LYS A 198 -2.84 6.49 40.83
CA LYS A 198 -3.31 7.88 40.79
C LYS A 198 -2.59 8.64 41.90
N GLY A 199 -2.14 9.85 41.60
CA GLY A 199 -1.40 10.65 42.56
C GLY A 199 0.08 10.29 42.72
N SER A 200 0.59 9.38 41.89
CA SER A 200 2.03 9.10 41.97
C SER A 200 2.85 10.34 41.55
N TYR A 201 2.25 11.21 40.74
CA TYR A 201 2.86 12.49 40.44
C TYR A 201 2.04 13.64 41.00
N PHE A 202 2.72 14.70 41.44
CA PHE A 202 2.06 15.91 41.91
C PHE A 202 1.37 16.59 40.71
N ALA A 203 2.06 16.60 39.57
CA ALA A 203 1.55 17.22 38.35
C ALA A 203 2.35 16.69 37.18
N PHE A 204 1.80 16.84 35.99
CA PHE A 204 2.51 16.48 34.76
C PHE A 204 2.39 17.62 33.74
N LEU A 205 3.53 18.04 33.18
CA LEU A 205 3.54 19.10 32.17
C LEU A 205 4.14 18.57 30.87
N GLU A 206 3.61 19.01 29.73
CA GLU A 206 4.22 18.66 28.46
C GLU A 206 4.40 19.92 27.63
N LEU A 207 5.64 20.20 27.24
CA LEU A 207 5.98 21.24 26.29
C LEU A 207 5.87 20.65 24.89
N HIS A 208 5.22 21.37 23.98
CA HIS A 208 4.98 20.84 22.66
C HIS A 208 4.78 21.99 21.67
N ILE A 209 5.21 21.80 20.41
CA ILE A 209 4.88 22.79 19.40
C ILE A 209 3.36 22.84 19.24
N GLU A 210 2.83 24.00 18.85
CA GLU A 210 1.38 24.20 18.80
C GLU A 210 0.68 23.25 17.83
N GLN A 211 1.31 23.00 16.68
CA GLN A 211 0.70 22.28 15.57
C GLN A 211 -0.51 23.04 15.06
N GLY A 212 -0.45 24.36 15.17
CA GLY A 212 -1.43 25.26 14.62
C GLY A 212 -0.79 26.62 14.44
N PRO A 213 -1.49 27.53 13.74
CA PRO A 213 -0.91 28.84 13.37
C PRO A 213 -1.28 29.98 14.31
N ILE A 214 -2.00 29.70 15.39
CA ILE A 214 -2.59 30.76 16.22
C ILE A 214 -1.57 31.66 16.93
N LEU A 215 -0.59 31.06 17.63
CA LEU A 215 0.40 31.86 18.34
C LEU A 215 1.20 32.72 17.35
N GLU A 216 1.62 32.11 16.24
CA GLU A 216 2.31 32.83 15.18
C GLU A 216 1.47 34.00 14.65
N ASP A 217 0.22 33.71 14.31
CA ASP A 217 -0.68 34.72 13.73
C ASP A 217 -0.96 35.89 14.67
N GLU A 218 -1.05 35.60 15.97
CA GLU A 218 -1.41 36.61 16.96
C GLU A 218 -0.20 37.30 17.58
N GLY A 219 1.00 36.83 17.21
CA GLY A 219 2.23 37.46 17.66
C GLY A 219 2.56 37.14 19.11
N LEU A 220 2.19 35.94 19.53
CA LEU A 220 2.34 35.55 20.93
C LEU A 220 3.44 34.50 21.14
N ASP A 221 4.00 34.47 22.35
CA ASP A 221 5.13 33.58 22.66
C ASP A 221 4.69 32.20 23.10
N ILE A 222 3.64 32.14 23.90
CA ILE A 222 3.33 30.93 24.67
C ILE A 222 1.84 30.64 24.66
N GLY A 223 1.47 29.38 24.45
CA GLY A 223 0.10 28.95 24.60
C GLY A 223 -0.04 28.18 25.91
N VAL A 224 -0.99 28.61 26.74
CA VAL A 224 -1.31 27.88 27.97
C VAL A 224 -2.50 26.98 27.64
N VAL A 225 -2.25 25.68 27.54
CA VAL A 225 -3.29 24.75 27.07
C VAL A 225 -4.31 24.41 28.15
N THR A 226 -5.59 24.62 27.85
CA THR A 226 -6.63 24.43 28.85
C THR A 226 -7.39 23.12 28.69
N ALA A 227 -7.31 22.54 27.48
CA ALA A 227 -8.04 21.30 27.21
C ALA A 227 -7.46 20.62 25.98
N ILE A 228 -7.78 19.33 25.82
CA ILE A 228 -7.32 18.54 24.69
C ILE A 228 -8.54 17.90 24.03
N ALA A 229 -8.68 18.05 22.72
CA ALA A 229 -9.83 17.52 21.96
C ALA A 229 -9.96 16.01 22.06
N ALA A 230 -11.17 15.49 21.84
CA ALA A 230 -11.46 14.06 22.00
C ALA A 230 -11.16 13.29 20.72
N PRO A 231 -10.23 12.33 20.79
CA PRO A 231 -9.80 11.62 19.58
C PRO A 231 -10.39 10.21 19.48
N ALA A 232 -10.67 9.81 18.24
CA ALA A 232 -11.09 8.45 17.96
C ALA A 232 -10.44 7.95 16.67
N SER A 233 -10.30 6.64 16.54
CA SER A 233 -9.84 6.07 15.28
C SER A 233 -10.63 4.82 14.95
N LEU A 234 -10.85 4.60 13.66
CA LEU A 234 -11.66 3.48 13.21
C LEU A 234 -10.87 2.67 12.18
N LYS A 235 -11.09 1.36 12.17
CA LYS A 235 -10.48 0.49 11.19
C LYS A 235 -11.63 -0.19 10.46
N VAL A 236 -11.65 -0.06 9.13
CA VAL A 236 -12.76 -0.58 8.33
C VAL A 236 -12.25 -1.44 7.19
N GLU A 237 -12.92 -2.57 6.96
CA GLU A 237 -12.61 -3.40 5.80
C GLU A 237 -13.86 -3.81 5.03
N PHE A 238 -13.76 -3.80 3.69
CA PHE A 238 -14.83 -4.28 2.82
C PHE A 238 -14.29 -5.49 2.06
N GLU A 239 -15.15 -6.48 1.79
CA GLU A 239 -14.74 -7.65 1.03
C GLU A 239 -15.69 -7.90 -0.14
N GLY A 240 -15.13 -8.13 -1.32
CA GLY A 240 -15.90 -8.47 -2.50
C GLY A 240 -15.27 -9.65 -3.21
N ASN A 241 -15.76 -9.98 -4.40
CA ASN A 241 -15.33 -11.21 -5.07
C ASN A 241 -14.01 -11.06 -5.83
N GLY A 242 -13.68 -9.83 -6.21
CA GLY A 242 -12.47 -9.58 -6.98
C GLY A 242 -12.54 -10.25 -8.34
N GLY A 243 -11.38 -10.49 -8.94
CA GLY A 243 -11.35 -11.12 -10.24
C GLY A 243 -10.70 -10.27 -11.32
N HIS A 244 -10.89 -10.69 -12.56
CA HIS A 244 -10.13 -10.16 -13.68
C HIS A 244 -10.69 -8.82 -14.15
N ALA A 245 -9.88 -7.77 -14.10
CA ALA A 245 -10.34 -6.40 -14.40
C ALA A 245 -10.84 -6.27 -15.83
N GLY A 246 -10.31 -7.10 -16.72
CA GLY A 246 -10.67 -7.01 -18.11
C GLY A 246 -11.87 -7.84 -18.48
N ALA A 247 -12.10 -8.91 -17.71
CA ALA A 247 -13.09 -9.92 -18.09
C ALA A 247 -14.39 -9.88 -17.30
N VAL A 248 -14.37 -9.36 -16.07
CA VAL A 248 -15.61 -9.30 -15.29
C VAL A 248 -16.40 -8.08 -15.73
N LEU A 249 -17.57 -8.31 -16.32
CA LEU A 249 -18.38 -7.21 -16.82
C LEU A 249 -18.97 -6.43 -15.65
N MET A 250 -19.18 -5.13 -15.87
CA MET A 250 -19.58 -4.23 -14.79
C MET A 250 -20.80 -4.66 -13.95
N PRO A 251 -21.87 -5.18 -14.60
CA PRO A 251 -23.03 -5.55 -13.77
C PRO A 251 -22.76 -6.64 -12.72
N TYR A 252 -21.66 -7.38 -12.84
CA TYR A 252 -21.43 -8.53 -11.97
C TYR A 252 -20.40 -8.26 -10.87
N ARG A 253 -19.94 -7.02 -10.80
CA ARG A 253 -18.89 -6.65 -9.86
C ARG A 253 -19.44 -6.29 -8.48
N ASN A 254 -18.57 -6.43 -7.47
CA ASN A 254 -18.80 -5.81 -6.16
C ASN A 254 -17.46 -5.28 -5.68
N ASP A 255 -17.09 -4.14 -6.27
CA ASP A 255 -15.74 -3.58 -6.16
C ASP A 255 -15.47 -2.97 -4.77
N ALA A 256 -14.54 -3.59 -4.03
CA ALA A 256 -14.26 -3.18 -2.65
C ALA A 256 -13.53 -1.84 -2.59
N GLY A 257 -12.80 -1.54 -3.67
CA GLY A 257 -12.14 -0.25 -3.79
C GLY A 257 -13.16 0.88 -3.86
N LEU A 258 -14.21 0.68 -4.64
CA LEU A 258 -15.22 1.71 -4.82
C LEU A 258 -16.04 1.91 -3.53
N ALA A 259 -16.28 0.82 -2.79
CA ALA A 259 -16.89 0.93 -1.47
C ALA A 259 -16.06 1.84 -0.56
N ALA A 260 -14.75 1.65 -0.60
CA ALA A 260 -13.83 2.43 0.21
C ALA A 260 -13.83 3.91 -0.21
N ALA A 261 -13.78 4.14 -1.52
CA ALA A 261 -13.86 5.49 -2.07
C ALA A 261 -15.12 6.18 -1.55
N GLU A 262 -16.24 5.48 -1.62
CA GLU A 262 -17.50 6.06 -1.16
C GLU A 262 -17.50 6.33 0.35
N LEU A 263 -16.89 5.44 1.12
CA LEU A 263 -16.84 5.68 2.57
C LEU A 263 -15.93 6.85 2.93
N ALA A 264 -14.82 7.00 2.21
CA ALA A 264 -13.91 8.12 2.48
C ALA A 264 -14.61 9.45 2.25
N LEU A 265 -15.44 9.52 1.21
CA LEU A 265 -16.18 10.73 0.92
C LEU A 265 -17.31 10.96 1.93
N ALA A 266 -17.89 9.88 2.44
CA ALA A 266 -18.91 9.99 3.48
C ALA A 266 -18.33 10.49 4.79
N VAL A 267 -17.10 10.09 5.11
CA VAL A 267 -16.42 10.63 6.30
C VAL A 267 -16.33 12.15 6.24
N GLU A 268 -15.84 12.67 5.11
CA GLU A 268 -15.76 14.11 4.91
C GLU A 268 -17.13 14.74 5.08
N LYS A 269 -18.14 14.14 4.45
CA LYS A 269 -19.49 14.68 4.48
C LYS A 269 -20.04 14.76 5.91
N HIS A 270 -19.87 13.69 6.69
CA HIS A 270 -20.42 13.66 8.04
C HIS A 270 -19.70 14.64 8.96
N VAL A 271 -18.40 14.82 8.75
CA VAL A 271 -17.64 15.86 9.48
C VAL A 271 -18.24 17.24 9.22
N LEU A 272 -18.46 17.55 7.94
CA LEU A 272 -19.00 18.84 7.56
C LEU A 272 -20.43 19.05 8.07
N GLU A 273 -21.14 17.95 8.25
CA GLU A 273 -22.50 17.98 8.79
C GLU A 273 -22.60 18.47 10.23
N SER A 274 -21.46 18.51 10.94
CA SER A 274 -21.48 18.84 12.36
C SER A 274 -21.76 20.31 12.57
N GLU A 275 -21.60 21.10 11.52
CA GLU A 275 -21.79 22.55 11.57
C GLU A 275 -20.79 23.27 12.46
N SER A 276 -19.77 22.55 12.94
CA SER A 276 -18.70 23.16 13.74
C SER A 276 -17.35 23.08 13.07
N ILE A 277 -16.63 24.19 13.09
CA ILE A 277 -15.26 24.25 12.58
C ILE A 277 -14.30 23.34 13.37
N ASP A 278 -14.67 23.00 14.61
CA ASP A 278 -13.77 22.20 15.47
C ASP A 278 -13.74 20.70 15.17
N THR A 279 -14.64 20.26 14.29
CA THR A 279 -14.71 18.85 13.93
C THR A 279 -13.77 18.55 12.77
N VAL A 280 -13.00 17.47 12.90
CA VAL A 280 -12.18 17.01 11.79
C VAL A 280 -12.36 15.50 11.58
N GLY A 281 -12.07 15.03 10.36
CA GLY A 281 -12.10 13.61 10.08
C GLY A 281 -11.25 13.36 8.86
N THR A 282 -10.54 12.23 8.83
CA THR A 282 -9.56 12.01 7.76
C THR A 282 -9.45 10.53 7.44
N VAL A 283 -9.29 10.20 6.16
CA VAL A 283 -8.86 8.86 5.78
C VAL A 283 -7.39 8.96 5.36
N GLY A 284 -6.49 8.64 6.30
CA GLY A 284 -5.06 8.71 6.03
C GLY A 284 -4.50 7.43 5.43
N ILE A 285 -5.25 6.35 5.59
CA ILE A 285 -4.84 5.05 5.08
C ILE A 285 -5.99 4.46 4.28
N LEU A 286 -5.73 4.14 3.02
CA LEU A 286 -6.69 3.43 2.19
C LEU A 286 -5.89 2.47 1.32
N GLU A 287 -5.99 1.17 1.62
CA GLU A 287 -5.23 0.18 0.86
C GLU A 287 -6.12 -0.81 0.12
N LEU A 288 -5.74 -1.16 -1.11
CA LEU A 288 -6.46 -2.14 -1.90
C LEU A 288 -5.70 -3.47 -1.96
N HIS A 289 -6.44 -4.59 -1.89
CA HIS A 289 -5.86 -5.92 -2.08
C HIS A 289 -6.65 -6.59 -3.20
N PRO A 290 -5.93 -7.29 -4.11
CA PRO A 290 -4.48 -7.54 -4.12
C PRO A 290 -3.61 -6.34 -4.52
N GLY A 291 -4.23 -5.29 -5.07
CA GLY A 291 -3.45 -4.12 -5.45
C GLY A 291 -2.66 -4.33 -6.73
N ALA A 292 -3.34 -4.86 -7.75
CA ALA A 292 -2.73 -5.03 -9.07
C ALA A 292 -3.60 -4.30 -10.08
N ILE A 293 -2.98 -3.70 -11.08
CA ILE A 293 -3.74 -2.88 -12.03
C ILE A 293 -4.84 -3.65 -12.75
N ASN A 294 -4.61 -4.95 -12.99
CA ASN A 294 -5.57 -5.76 -13.75
C ASN A 294 -6.36 -6.75 -12.91
N SER A 295 -6.54 -6.42 -11.63
CA SER A 295 -7.28 -7.27 -10.70
C SER A 295 -8.24 -6.40 -9.91
N ILE A 296 -9.53 -6.72 -9.93
CA ILE A 296 -10.51 -5.94 -9.18
C ILE A 296 -10.28 -6.15 -7.68
N PRO A 297 -10.19 -5.05 -6.90
CA PRO A 297 -9.93 -5.21 -5.46
C PRO A 297 -10.99 -6.08 -4.78
N SER A 298 -10.55 -7.13 -4.09
CA SER A 298 -11.46 -7.99 -3.34
C SER A 298 -11.50 -7.59 -1.87
N LYS A 299 -10.52 -6.80 -1.43
CA LYS A 299 -10.54 -6.25 -0.07
C LYS A 299 -10.01 -4.84 -0.09
N SER A 300 -10.64 -3.98 0.70
CA SER A 300 -10.14 -2.64 0.89
C SER A 300 -10.13 -2.36 2.38
N HIS A 301 -9.19 -1.52 2.80
CA HIS A 301 -8.92 -1.31 4.21
C HIS A 301 -8.77 0.20 4.39
N LEU A 302 -9.53 0.76 5.32
CA LEU A 302 -9.47 2.19 5.60
C LEU A 302 -9.16 2.37 7.08
N GLU A 303 -8.31 3.35 7.38
CA GLU A 303 -8.11 3.75 8.75
C GLU A 303 -8.47 5.21 8.85
N ILE A 304 -9.42 5.50 9.75
CA ILE A 304 -10.11 6.77 9.79
C ILE A 304 -9.86 7.45 11.11
N ASP A 305 -9.42 8.72 11.05
CA ASP A 305 -9.16 9.52 12.24
C ASP A 305 -10.28 10.56 12.32
N THR A 306 -10.90 10.72 13.48
CA THR A 306 -11.91 11.77 13.64
C THR A 306 -11.91 12.31 15.07
N ARG A 307 -12.08 13.62 15.21
CA ARG A 307 -11.94 14.27 16.51
C ARG A 307 -12.87 15.47 16.60
N ASP A 308 -13.13 15.92 17.82
CA ASP A 308 -13.79 17.20 18.04
C ASP A 308 -13.49 17.57 19.49
N ILE A 309 -13.46 18.86 19.80
CA ILE A 309 -13.36 19.28 21.20
C ILE A 309 -14.59 18.82 21.96
N ASP A 310 -15.72 18.75 21.24
CA ASP A 310 -16.98 18.31 21.83
C ASP A 310 -17.17 16.80 21.62
N GLU A 311 -17.13 16.05 22.70
CA GLU A 311 -17.20 14.59 22.63
C GLU A 311 -18.48 14.08 21.95
N ALA A 312 -19.62 14.68 22.30
CA ALA A 312 -20.90 14.23 21.75
C ALA A 312 -20.96 14.42 20.23
N ARG A 313 -20.49 15.57 19.77
CA ARG A 313 -20.45 15.88 18.34
C ARG A 313 -19.54 14.88 17.59
N ARG A 314 -18.39 14.58 18.20
CA ARG A 314 -17.46 13.58 17.67
C ARG A 314 -18.15 12.23 17.55
N ASN A 315 -18.85 11.83 18.62
CA ASN A 315 -19.55 10.54 18.63
C ASN A 315 -20.63 10.43 17.55
N THR A 316 -21.31 11.54 17.28
CA THR A 316 -22.30 11.56 16.20
C THR A 316 -21.65 11.25 14.85
N VAL A 317 -20.48 11.83 14.60
CA VAL A 317 -19.74 11.55 13.37
C VAL A 317 -19.40 10.06 13.26
N ILE A 318 -18.96 9.46 14.35
CA ILE A 318 -18.64 8.02 14.35
C ILE A 318 -19.88 7.18 14.03
N LYS A 319 -21.00 7.48 14.68
CA LYS A 319 -22.25 6.78 14.44
C LYS A 319 -22.67 6.90 12.98
N LYS A 320 -22.57 8.10 12.41
CA LYS A 320 -22.90 8.30 11.00
C LYS A 320 -21.96 7.54 10.07
N ILE A 321 -20.67 7.52 10.42
CA ILE A 321 -19.70 6.78 9.62
C ILE A 321 -20.05 5.30 9.59
N GLN A 322 -20.44 4.75 10.73
CA GLN A 322 -20.84 3.34 10.81
C GLN A 322 -22.09 3.06 9.97
N GLU A 323 -23.09 3.93 10.07
CA GLU A 323 -24.29 3.82 9.24
C GLU A 323 -23.96 3.86 7.75
N SER A 324 -23.08 4.79 7.36
CA SER A 324 -22.67 4.89 5.97
C SER A 324 -21.91 3.65 5.50
N ALA A 325 -21.08 3.07 6.37
CA ALA A 325 -20.34 1.87 5.99
C ALA A 325 -21.30 0.72 5.68
N ASN A 326 -22.37 0.60 6.46
CA ASN A 326 -23.37 -0.43 6.23
C ASN A 326 -24.23 -0.17 4.99
N THR A 327 -24.60 1.08 4.77
CA THR A 327 -25.37 1.47 3.59
C THR A 327 -24.57 1.23 2.31
N ILE A 328 -23.29 1.60 2.34
CA ILE A 328 -22.39 1.39 1.22
C ILE A 328 -22.15 -0.10 0.96
N ALA A 329 -21.93 -0.88 2.02
CA ALA A 329 -21.74 -2.32 1.87
C ALA A 329 -22.93 -2.96 1.15
N LYS A 330 -24.15 -2.64 1.60
CA LYS A 330 -25.35 -3.20 0.98
C LYS A 330 -25.54 -2.75 -0.47
N LYS A 331 -25.31 -1.48 -0.75
CA LYS A 331 -25.46 -0.95 -2.09
C LYS A 331 -24.43 -1.53 -3.07
N ARG A 332 -23.21 -1.72 -2.59
CA ARG A 332 -22.13 -2.26 -3.43
C ARG A 332 -22.14 -3.77 -3.44
N LYS A 333 -22.98 -4.37 -2.59
CA LYS A 333 -23.07 -5.82 -2.45
C LYS A 333 -21.73 -6.42 -2.02
N VAL A 334 -21.04 -5.69 -1.15
CA VAL A 334 -19.84 -6.22 -0.51
C VAL A 334 -20.12 -6.49 0.95
N LYS A 335 -19.24 -7.26 1.57
CA LYS A 335 -19.34 -7.51 3.01
C LYS A 335 -18.58 -6.43 3.78
N LEU A 336 -19.22 -5.86 4.81
CA LEU A 336 -18.49 -5.03 5.77
C LEU A 336 -17.83 -6.02 6.72
N SER A 337 -16.60 -6.42 6.39
CA SER A 337 -15.94 -7.52 7.09
C SER A 337 -15.26 -7.08 8.39
N GLU A 338 -14.94 -5.80 8.48
CA GLU A 338 -14.48 -5.25 9.75
C GLU A 338 -14.98 -3.83 9.92
N PHE A 339 -15.50 -3.53 11.11
CA PHE A 339 -15.72 -2.14 11.53
C PHE A 339 -15.32 -2.06 13.01
N LYS A 340 -14.09 -1.64 13.25
CA LYS A 340 -13.54 -1.66 14.59
C LYS A 340 -13.28 -0.23 15.06
N ILE A 341 -13.85 0.14 16.20
CA ILE A 341 -13.49 1.39 16.82
C ILE A 341 -12.23 1.14 17.63
N VAL A 342 -11.07 1.50 17.08
CA VAL A 342 -9.78 1.19 17.71
C VAL A 342 -9.64 1.94 19.03
N ASN A 343 -9.98 3.22 19.02
CA ASN A 343 -10.11 3.98 20.26
C ASN A 343 -11.16 5.06 20.12
N GLN A 344 -11.74 5.44 21.24
CA GLN A 344 -12.76 6.48 21.29
C GLN A 344 -12.65 7.09 22.68
N ASP A 345 -11.88 8.16 22.78
CA ASP A 345 -11.42 8.70 24.05
C ASP A 345 -12.09 10.04 24.30
N PRO A 346 -12.37 10.34 25.57
CA PRO A 346 -12.97 11.64 25.93
C PRO A 346 -11.91 12.74 25.86
N PRO A 347 -12.34 14.02 25.84
CA PRO A 347 -11.38 15.12 25.92
C PRO A 347 -10.87 15.20 27.35
N ALA A 348 -9.86 16.03 27.60
CA ALA A 348 -9.41 16.20 28.99
C ALA A 348 -9.24 17.68 29.29
N LEU A 349 -9.34 18.03 30.56
CA LEU A 349 -9.13 19.41 30.98
C LEU A 349 -7.82 19.52 31.74
N SER A 350 -7.02 20.54 31.41
CA SER A 350 -5.83 20.84 32.20
C SER A 350 -6.25 21.29 33.61
N ASP A 351 -5.43 20.96 34.60
CA ASP A 351 -5.68 21.33 36.00
C ASP A 351 -5.63 22.85 36.15
N LYS A 352 -6.59 23.41 36.88
CA LYS A 352 -6.70 24.87 36.97
C LYS A 352 -5.53 25.54 37.66
N LEU A 353 -4.93 24.83 38.62
CA LEU A 353 -3.81 25.44 39.35
C LEU A 353 -2.49 25.27 38.61
N VAL A 354 -2.40 24.24 37.78
CA VAL A 354 -1.26 24.10 36.88
C VAL A 354 -1.28 25.23 35.84
N ILE A 355 -2.44 25.45 35.22
CA ILE A 355 -2.64 26.59 34.30
C ILE A 355 -2.23 27.92 34.94
N LYS A 356 -2.67 28.12 36.18
CA LYS A 356 -2.37 29.34 36.92
C LYS A 356 -0.86 29.55 37.04
N LYS A 357 -0.11 28.50 37.40
CA LYS A 357 1.34 28.63 37.55
C LYS A 357 2.04 28.85 36.21
N MET A 358 1.54 28.21 35.16
CA MET A 358 2.13 28.36 33.84
C MET A 358 1.98 29.78 33.32
N ALA A 359 0.79 30.36 33.50
CA ALA A 359 0.54 31.73 33.07
C ALA A 359 1.37 32.72 33.88
N GLU A 360 1.51 32.45 35.17
CA GLU A 360 2.35 33.28 36.04
C GLU A 360 3.79 33.22 35.58
N ALA A 361 4.27 32.01 35.28
CA ALA A 361 5.65 31.81 34.83
C ALA A 361 5.94 32.59 33.54
N ALA A 362 5.02 32.49 32.59
CA ALA A 362 5.18 33.20 31.31
C ALA A 362 5.24 34.71 31.56
N THR A 363 4.34 35.20 32.42
CA THR A 363 4.31 36.62 32.79
C THR A 363 5.62 37.07 33.45
N GLU A 364 6.12 36.26 34.39
CA GLU A 364 7.37 36.59 35.07
C GLU A 364 8.55 36.61 34.11
N LEU A 365 8.43 35.88 33.00
CA LEU A 365 9.49 35.82 31.98
C LEU A 365 9.29 36.87 30.89
N ASN A 366 8.29 37.72 31.06
CA ASN A 366 7.97 38.76 30.08
C ASN A 366 7.61 38.17 28.72
N LEU A 367 6.92 37.03 28.76
CA LEU A 367 6.48 36.36 27.54
C LEU A 367 4.96 36.52 27.40
N SER A 368 4.50 36.88 26.20
CA SER A 368 3.06 37.00 25.97
C SER A 368 2.43 35.62 25.82
N HIS A 369 1.18 35.50 26.22
CA HIS A 369 0.53 34.19 26.20
C HIS A 369 -0.97 34.29 26.08
N LYS A 370 -1.60 33.19 25.69
CA LYS A 370 -3.05 33.13 25.72
C LYS A 370 -3.46 31.73 26.09
N MET A 371 -4.71 31.59 26.53
CA MET A 371 -5.29 30.30 26.80
C MET A 371 -5.72 29.70 25.49
N MET A 372 -5.49 28.40 25.29
CA MET A 372 -5.94 27.76 24.07
C MET A 372 -6.11 26.25 24.25
N ILE A 373 -6.80 25.64 23.30
CA ILE A 373 -7.04 24.20 23.37
C ILE A 373 -6.09 23.48 22.40
N SER A 374 -5.78 22.22 22.68
CA SER A 374 -5.01 21.40 21.76
C SER A 374 -5.95 20.65 20.85
N ARG A 375 -5.71 20.68 19.54
CA ARG A 375 -6.52 19.89 18.61
C ARG A 375 -5.93 18.50 18.44
N ALA A 376 -4.60 18.43 18.41
CA ALA A 376 -3.90 17.14 18.43
C ALA A 376 -4.10 16.53 19.80
N TYR A 377 -3.89 15.21 19.88
CA TYR A 377 -3.85 14.54 21.19
C TYR A 377 -2.39 14.36 21.57
N HIS A 378 -2.13 14.07 22.83
CA HIS A 378 -0.78 14.02 23.37
C HIS A 378 -0.76 13.04 24.51
N ASP A 379 0.43 12.62 24.94
CA ASP A 379 0.52 11.81 26.15
C ASP A 379 -0.15 12.49 27.36
N SER A 380 -0.17 13.82 27.36
CA SER A 380 -0.85 14.60 28.39
C SER A 380 -2.30 14.19 28.55
N LEU A 381 -2.94 13.77 27.46
CA LEU A 381 -4.33 13.35 27.51
C LEU A 381 -4.52 12.23 28.53
N PHE A 382 -3.56 11.31 28.55
CA PHE A 382 -3.69 10.14 29.41
C PHE A 382 -3.02 10.32 30.76
N MET A 383 -1.98 11.14 30.79
CA MET A 383 -1.36 11.49 32.06
C MET A 383 -2.37 12.23 32.96
N ALA A 384 -3.31 12.93 32.32
CA ALA A 384 -4.35 13.68 33.07
C ALA A 384 -5.22 12.76 33.94
N ARG A 385 -5.27 11.48 33.57
CA ARG A 385 -5.99 10.49 34.37
C ARG A 385 -5.26 10.11 35.66
N ILE A 386 -3.96 10.35 35.69
CA ILE A 386 -3.11 9.97 36.83
C ILE A 386 -2.83 11.16 37.75
N SER A 387 -2.74 12.34 37.16
CA SER A 387 -2.32 13.50 37.94
C SER A 387 -2.78 14.79 37.27
N PRO A 388 -2.78 15.90 38.03
CA PRO A 388 -3.02 17.22 37.42
C PRO A 388 -2.11 17.43 36.21
N MET A 389 -2.66 17.99 35.14
CA MET A 389 -1.93 18.08 33.87
C MET A 389 -1.96 19.49 33.32
N GLY A 390 -0.91 19.86 32.60
CA GLY A 390 -0.93 21.08 31.82
C GLY A 390 -0.03 20.92 30.61
N MET A 391 -0.23 21.76 29.60
CA MET A 391 0.65 21.79 28.44
C MET A 391 1.10 23.22 28.13
N ILE A 392 2.35 23.35 27.68
CA ILE A 392 2.87 24.61 27.19
C ILE A 392 3.05 24.51 25.67
N PHE A 393 2.35 25.36 24.91
CA PHE A 393 2.56 25.42 23.46
C PHE A 393 3.55 26.51 23.09
N ILE A 394 4.37 26.25 22.07
CA ILE A 394 5.21 27.30 21.48
C ILE A 394 4.77 27.44 20.03
N PRO A 395 5.06 28.59 19.41
CA PRO A 395 4.62 28.75 18.03
C PRO A 395 5.33 27.79 17.08
N CYS A 396 4.71 27.52 15.93
CA CYS A 396 5.39 26.81 14.88
C CYS A 396 4.98 27.43 13.54
N TYR A 397 5.91 27.43 12.60
CA TYR A 397 5.72 28.10 11.31
C TYR A 397 4.48 27.63 10.55
N LYS A 398 3.55 28.55 10.29
CA LYS A 398 2.31 28.28 9.55
C LYS A 398 1.48 27.12 10.15
N GLY A 399 1.80 26.73 11.38
CA GLY A 399 1.13 25.62 12.03
C GLY A 399 1.45 24.24 11.47
N TYR A 400 2.38 24.18 10.51
CA TYR A 400 2.72 22.92 9.86
C TYR A 400 3.16 21.86 10.87
N SER A 401 2.63 20.64 10.74
CA SER A 401 3.14 19.52 11.52
C SER A 401 2.81 18.23 10.77
N HIS A 402 3.46 17.14 11.17
CA HIS A 402 3.35 15.86 10.46
C HIS A 402 3.80 15.95 9.02
N LYS A 403 4.78 16.83 8.77
CA LYS A 403 5.35 16.96 7.44
C LYS A 403 6.66 17.72 7.59
N PRO A 404 7.59 17.54 6.63
CA PRO A 404 8.94 18.10 6.83
C PRO A 404 9.02 19.64 6.88
N GLU A 405 7.96 20.34 6.50
CA GLU A 405 7.93 21.81 6.58
C GLU A 405 7.77 22.30 8.01
N GLU A 406 7.47 21.38 8.93
CA GLU A 406 7.31 21.70 10.35
C GLU A 406 8.53 22.43 10.91
N TYR A 407 8.29 23.53 11.63
CA TYR A 407 9.40 24.36 12.10
C TYR A 407 9.05 25.19 13.32
N SER A 408 9.92 25.16 14.31
CA SER A 408 9.85 26.11 15.42
C SER A 408 11.27 26.68 15.63
N SER A 409 11.37 27.98 15.87
CA SER A 409 12.70 28.61 15.90
C SER A 409 13.47 28.28 17.18
N PRO A 410 14.81 28.45 17.17
CA PRO A 410 15.56 28.24 18.39
C PRO A 410 15.03 29.10 19.53
N GLU A 411 14.62 30.33 19.24
CA GLU A 411 14.09 31.17 20.29
C GLU A 411 12.72 30.73 20.80
N ASP A 412 11.85 30.28 19.88
CA ASP A 412 10.54 29.73 20.27
C ASP A 412 10.75 28.58 21.26
N MET A 413 11.66 27.67 20.93
CA MET A 413 11.95 26.56 21.83
C MET A 413 12.55 27.00 23.16
N ALA A 414 13.51 27.91 23.11
CA ALA A 414 14.13 28.42 24.33
C ALA A 414 13.11 29.09 25.25
N ASN A 415 12.17 29.84 24.67
CA ASN A 415 11.09 30.44 25.47
C ASN A 415 10.22 29.39 26.15
N GLY A 416 9.82 28.37 25.39
CA GLY A 416 9.08 27.25 25.95
C GLY A 416 9.84 26.55 27.05
N VAL A 417 11.14 26.34 26.84
CA VAL A 417 11.99 25.73 27.87
C VAL A 417 12.05 26.56 29.14
N LYS A 418 12.14 27.88 29.01
CA LYS A 418 12.17 28.74 30.20
C LYS A 418 10.86 28.67 30.96
N VAL A 419 9.74 28.69 30.25
CA VAL A 419 8.43 28.55 30.89
C VAL A 419 8.33 27.20 31.57
N LEU A 420 8.80 26.15 30.89
CA LEU A 420 8.81 24.83 31.50
C LEU A 420 9.66 24.77 32.78
N SER A 421 10.87 25.33 32.73
CA SER A 421 11.77 25.34 33.89
C SER A 421 11.13 26.06 35.07
N LEU A 422 10.51 27.20 34.79
CA LEU A 422 9.97 28.03 35.87
C LEU A 422 8.69 27.41 36.43
N THR A 423 7.87 26.79 35.57
CA THR A 423 6.67 26.12 36.06
C THR A 423 7.02 24.89 36.90
N LEU A 424 7.99 24.10 36.43
CA LEU A 424 8.49 22.96 37.22
C LEU A 424 8.97 23.42 38.59
N ALA A 425 9.74 24.51 38.61
CA ALA A 425 10.28 25.03 39.87
C ALA A 425 9.18 25.49 40.82
N LYS A 426 8.19 26.20 40.28
CA LYS A 426 7.04 26.61 41.10
C LYS A 426 6.32 25.40 41.69
N LEU A 427 6.10 24.38 40.86
CA LEU A 427 5.37 23.20 41.31
C LEU A 427 6.19 22.39 42.31
N SER A 428 7.50 22.33 42.11
CA SER A 428 8.36 21.56 43.00
C SER A 428 8.33 22.14 44.41
N LEU A 429 8.28 23.47 44.49
CA LEU A 429 8.37 24.16 45.79
C LEU A 429 7.01 24.34 46.44
N ASP A 430 5.95 24.03 45.71
CA ASP A 430 4.62 24.32 46.21
C ASP A 430 4.36 23.67 47.57
N ASN B 8 -7.99 -42.70 -37.33
CA ASN B 8 -7.44 -41.42 -37.79
C ASN B 8 -6.65 -40.71 -36.70
N LEU B 9 -6.00 -39.60 -37.07
CA LEU B 9 -5.19 -38.85 -36.13
C LEU B 9 -6.01 -38.36 -34.93
N ALA B 10 -7.15 -37.73 -35.24
CA ALA B 10 -8.01 -37.15 -34.21
C ALA B 10 -8.39 -38.17 -33.14
N SER B 11 -8.83 -39.36 -33.56
CA SER B 11 -9.25 -40.37 -32.60
C SER B 11 -8.08 -40.99 -31.84
N SER B 12 -6.87 -40.84 -32.37
CA SER B 12 -5.67 -41.41 -31.71
C SER B 12 -5.11 -40.53 -30.59
N LEU B 13 -5.51 -39.26 -30.56
CA LEU B 13 -4.95 -38.32 -29.59
C LEU B 13 -5.39 -38.66 -28.19
N SER B 14 -4.42 -38.80 -27.30
CA SER B 14 -4.77 -39.06 -25.90
C SER B 14 -3.83 -38.31 -24.97
N VAL B 15 -4.44 -37.65 -24.00
CA VAL B 15 -3.72 -36.77 -23.09
C VAL B 15 -3.57 -37.45 -21.75
N ASP B 16 -2.44 -37.23 -21.10
CA ASP B 16 -2.25 -37.66 -19.72
C ASP B 16 -2.86 -36.57 -18.85
N ALA B 17 -4.17 -36.64 -18.60
CA ALA B 17 -4.84 -35.56 -17.88
C ALA B 17 -4.39 -35.39 -16.43
N PRO B 18 -4.30 -36.49 -15.66
CA PRO B 18 -3.81 -36.28 -14.29
C PRO B 18 -2.34 -35.89 -14.26
N GLY B 19 -1.57 -36.34 -15.25
CA GLY B 19 -0.17 -35.96 -15.37
C GLY B 19 -0.04 -34.47 -15.59
N LEU B 20 -0.87 -33.93 -16.49
CA LEU B 20 -0.87 -32.48 -16.73
C LEU B 20 -1.29 -31.70 -15.48
N GLN B 21 -2.25 -32.24 -14.74
CA GLN B 21 -2.67 -31.59 -13.49
C GLN B 21 -1.52 -31.58 -12.47
N ASN B 22 -0.77 -32.67 -12.39
CA ASN B 22 0.35 -32.74 -11.46
C ASN B 22 1.40 -31.67 -11.76
N GLN B 23 1.61 -31.40 -13.04
CA GLN B 23 2.56 -30.37 -13.47
C GLN B 23 2.06 -28.96 -13.13
N ILE B 24 0.77 -28.74 -13.36
CA ILE B 24 0.12 -27.49 -12.94
C ILE B 24 0.36 -27.25 -11.45
N ASP B 25 0.15 -28.28 -10.65
CA ASP B 25 0.31 -28.18 -9.19
C ASP B 25 1.76 -27.91 -8.78
N GLU B 26 2.69 -28.63 -9.42
CA GLU B 26 4.11 -28.47 -9.14
C GLU B 26 4.61 -27.06 -9.48
N LEU B 27 4.20 -26.53 -10.63
CA LEU B 27 4.61 -25.18 -11.01
C LEU B 27 4.06 -24.15 -10.04
N SER B 28 2.87 -24.41 -9.49
CA SER B 28 2.24 -23.45 -8.59
C SER B 28 3.05 -23.29 -7.30
N SER B 29 3.91 -24.29 -7.02
CA SER B 29 4.76 -24.25 -5.83
C SER B 29 5.82 -23.14 -5.90
N PHE B 30 6.08 -22.64 -7.10
CA PHE B 30 7.06 -21.57 -7.29
C PHE B 30 6.35 -20.23 -7.13
N SER B 31 6.14 -19.83 -5.88
CA SER B 31 5.24 -18.72 -5.59
C SER B 31 5.71 -17.95 -4.37
N ASP B 32 5.51 -16.62 -4.38
CA ASP B 32 5.78 -15.81 -3.20
C ASP B 32 4.54 -15.67 -2.32
N ALA B 33 3.42 -16.26 -2.76
CA ALA B 33 2.21 -16.29 -1.97
C ALA B 33 1.92 -17.73 -1.56
N PRO B 34 1.31 -17.92 -0.37
CA PRO B 34 1.02 -19.28 0.08
C PRO B 34 -0.11 -19.89 -0.74
N SER B 35 -0.02 -21.19 -1.02
CA SER B 35 -1.12 -21.93 -1.63
C SER B 35 -2.40 -21.64 -0.85
N PRO B 36 -3.54 -21.53 -1.54
CA PRO B 36 -3.75 -21.81 -2.96
C PRO B 36 -3.48 -20.62 -3.89
N SER B 37 -3.03 -19.49 -3.36
CA SER B 37 -2.69 -18.35 -4.19
C SER B 37 -1.33 -18.53 -4.85
N VAL B 38 -1.15 -17.88 -6.00
CA VAL B 38 0.13 -17.81 -6.66
C VAL B 38 0.56 -16.35 -6.83
N THR B 39 1.83 -16.06 -6.55
CA THR B 39 2.45 -14.83 -6.99
C THR B 39 3.77 -15.20 -7.64
N ARG B 40 3.99 -14.80 -8.88
CA ARG B 40 5.25 -15.10 -9.52
C ARG B 40 5.58 -14.01 -10.52
N VAL B 41 6.51 -13.15 -10.13
CA VAL B 41 6.79 -11.95 -10.90
C VAL B 41 8.06 -12.14 -11.73
N LEU B 42 8.01 -11.59 -12.94
CA LEU B 42 9.13 -11.58 -13.88
C LEU B 42 10.50 -11.34 -13.25
N TYR B 43 11.43 -12.26 -13.54
CA TYR B 43 12.85 -12.17 -13.18
C TYR B 43 13.18 -12.41 -11.70
N THR B 44 12.16 -12.55 -10.85
CA THR B 44 12.40 -12.90 -9.45
C THR B 44 12.90 -14.33 -9.35
N ASP B 45 13.31 -14.73 -8.15
CA ASP B 45 13.82 -16.09 -7.92
C ASP B 45 12.78 -17.16 -8.27
N LYS B 46 11.51 -16.89 -7.98
CA LYS B 46 10.44 -17.85 -8.25
C LYS B 46 10.24 -18.03 -9.76
N ASP B 47 10.42 -16.95 -10.50
CA ASP B 47 10.31 -16.98 -11.96
C ASP B 47 11.44 -17.82 -12.54
N VAL B 48 12.64 -17.64 -12.01
CA VAL B 48 13.81 -18.40 -12.47
C VAL B 48 13.59 -19.90 -12.23
N SER B 49 13.07 -20.26 -11.07
CA SER B 49 12.79 -21.67 -10.78
C SER B 49 11.74 -22.26 -11.72
N ALA B 50 10.71 -21.47 -12.01
CA ALA B 50 9.64 -21.93 -12.88
C ALA B 50 10.14 -22.09 -14.32
N ARG B 51 10.99 -21.18 -14.77
CA ARG B 51 11.63 -21.27 -16.09
C ARG B 51 12.42 -22.57 -16.23
N ARG B 52 13.26 -22.87 -15.23
CA ARG B 52 14.04 -24.11 -15.25
C ARG B 52 13.13 -25.32 -15.34
N TYR B 53 12.04 -25.30 -14.58
CA TYR B 53 11.07 -26.40 -14.55
C TYR B 53 10.51 -26.64 -15.94
N VAL B 54 10.12 -25.55 -16.61
CA VAL B 54 9.51 -25.65 -17.94
C VAL B 54 10.54 -26.05 -18.98
N LYS B 55 11.74 -25.48 -18.91
CA LYS B 55 12.80 -25.84 -19.86
C LYS B 55 13.19 -27.30 -19.76
N ASN B 56 13.15 -27.84 -18.54
CA ASN B 56 13.37 -29.27 -18.35
C ASN B 56 12.28 -30.11 -19.02
N LEU B 57 11.02 -29.71 -18.89
CA LEU B 57 9.93 -30.42 -19.58
C LEU B 57 10.10 -30.35 -21.09
N MET B 58 10.48 -29.19 -21.59
CA MET B 58 10.77 -29.05 -23.02
C MET B 58 11.86 -30.01 -23.48
N ALA B 59 12.91 -30.11 -22.67
CA ALA B 59 14.02 -31.01 -22.98
C ALA B 59 13.56 -32.47 -23.00
N LEU B 60 12.72 -32.84 -22.03
CA LEU B 60 12.24 -34.21 -21.92
C LEU B 60 11.31 -34.57 -23.07
N ALA B 61 10.67 -33.55 -23.64
CA ALA B 61 9.77 -33.74 -24.76
C ALA B 61 10.55 -33.80 -26.08
N GLY B 62 11.88 -33.67 -25.99
CA GLY B 62 12.74 -33.79 -27.15
C GLY B 62 12.93 -32.50 -27.94
N LEU B 63 12.53 -31.37 -27.36
CA LEU B 63 12.60 -30.10 -28.07
C LEU B 63 13.99 -29.48 -28.01
N THR B 64 14.36 -28.79 -29.08
CA THR B 64 15.60 -28.01 -29.07
C THR B 64 15.29 -26.67 -28.43
N VAL B 65 15.97 -26.34 -27.34
CA VAL B 65 15.63 -25.15 -26.55
C VAL B 65 16.60 -24.00 -26.76
N ARG B 66 16.06 -22.80 -27.00
CA ARG B 66 16.89 -21.60 -27.08
C ARG B 66 16.19 -20.46 -26.33
N GLU B 67 16.95 -19.43 -25.96
CA GLU B 67 16.36 -18.26 -25.32
C GLU B 67 16.85 -17.00 -26.03
N ASP B 68 16.04 -15.95 -26.04
CA ASP B 68 16.48 -14.69 -26.61
C ASP B 68 16.96 -13.71 -25.52
N ALA B 69 17.30 -12.49 -25.92
CA ALA B 69 17.94 -11.52 -25.02
C ALA B 69 17.13 -11.18 -23.76
N VAL B 70 15.80 -11.25 -23.85
CA VAL B 70 14.96 -10.89 -22.69
C VAL B 70 14.36 -12.11 -21.97
N GLY B 71 14.69 -13.29 -22.45
CA GLY B 71 14.28 -14.50 -21.78
C GLY B 71 13.01 -15.14 -22.31
N ASN B 72 12.57 -14.74 -23.50
CA ASN B 72 11.59 -15.57 -24.22
C ASN B 72 12.26 -16.92 -24.46
N ILE B 73 11.52 -18.00 -24.19
CA ILE B 73 12.09 -19.34 -24.29
C ILE B 73 11.37 -20.12 -25.38
N PHE B 74 12.15 -20.74 -26.26
CA PHE B 74 11.62 -21.42 -27.44
C PHE B 74 12.01 -22.89 -27.45
N GLY B 75 11.05 -23.78 -27.71
CA GLY B 75 11.35 -25.20 -27.81
C GLY B 75 10.84 -25.74 -29.14
N LYS B 76 11.76 -26.14 -30.02
CA LYS B 76 11.37 -26.54 -31.37
C LYS B 76 11.41 -28.06 -31.62
N TRP B 77 10.35 -28.56 -32.24
CA TRP B 77 10.31 -29.91 -32.81
C TRP B 77 10.55 -29.71 -34.31
N ASP B 78 11.70 -30.15 -34.81
CA ASP B 78 12.09 -29.90 -36.19
C ASP B 78 11.21 -30.64 -37.19
N GLY B 79 10.68 -29.92 -38.17
CA GLY B 79 9.84 -30.54 -39.17
C GLY B 79 10.65 -31.22 -40.26
N LEU B 80 9.94 -31.92 -41.16
CA LEU B 80 10.54 -32.58 -42.31
C LEU B 80 11.07 -31.55 -43.33
N GLU B 81 10.50 -30.35 -43.30
CA GLU B 81 10.98 -29.22 -44.10
C GLU B 81 11.28 -28.07 -43.16
N PRO B 82 12.40 -28.17 -42.44
CA PRO B 82 12.66 -27.22 -41.34
C PRO B 82 12.91 -25.76 -41.74
N ASN B 83 13.20 -25.51 -43.01
CA ASN B 83 13.47 -24.14 -43.45
C ASN B 83 12.18 -23.32 -43.56
N LEU B 84 11.05 -24.01 -43.64
CA LEU B 84 9.75 -23.32 -43.73
C LEU B 84 9.44 -22.61 -42.42
N PRO B 85 8.73 -21.47 -42.50
CA PRO B 85 8.19 -20.81 -41.30
C PRO B 85 7.44 -21.81 -40.41
N ALA B 86 7.81 -21.87 -39.13
CA ALA B 86 7.22 -22.84 -38.21
C ALA B 86 5.80 -22.46 -37.77
N VAL B 87 5.08 -23.42 -37.19
CA VAL B 87 3.83 -23.11 -36.52
C VAL B 87 4.15 -22.97 -35.03
N ALA B 88 3.83 -21.81 -34.46
CA ALA B 88 4.20 -21.49 -33.08
C ALA B 88 3.01 -21.55 -32.13
N THR B 89 3.29 -21.88 -30.88
CA THR B 89 2.25 -21.84 -29.86
C THR B 89 2.88 -21.56 -28.51
N GLY B 90 2.13 -20.91 -27.63
CA GLY B 90 2.64 -20.70 -26.29
C GLY B 90 1.88 -19.67 -25.49
N SER B 91 2.39 -19.35 -24.30
CA SER B 91 1.73 -18.43 -23.39
C SER B 91 2.75 -17.99 -22.34
N HIS B 92 2.27 -17.51 -21.20
CA HIS B 92 3.17 -17.00 -20.16
C HIS B 92 3.03 -17.85 -18.91
N ILE B 93 3.99 -17.75 -18.00
CA ILE B 93 3.83 -18.42 -16.71
C ILE B 93 3.90 -17.46 -15.52
N ASP B 94 4.08 -16.17 -15.78
CA ASP B 94 4.07 -15.24 -14.66
C ASP B 94 2.65 -15.06 -14.11
N ALA B 95 2.56 -14.66 -12.84
CA ALA B 95 1.28 -14.60 -12.15
C ALA B 95 1.22 -13.31 -11.33
N ILE B 96 0.15 -12.53 -11.48
CA ILE B 96 0.01 -11.32 -10.67
C ILE B 96 -0.18 -11.72 -9.21
N PRO B 97 0.03 -10.78 -8.26
CA PRO B 97 -0.09 -11.14 -6.84
C PRO B 97 -1.42 -11.79 -6.47
N TYR B 98 -1.34 -12.91 -5.76
CA TYR B 98 -2.50 -13.61 -5.25
C TYR B 98 -3.49 -14.01 -6.34
N SER B 99 -2.96 -14.66 -7.37
CA SER B 99 -3.78 -15.09 -8.47
C SER B 99 -3.87 -16.61 -8.51
N GLY B 100 -4.29 -17.15 -9.64
CA GLY B 100 -4.52 -18.59 -9.75
C GLY B 100 -3.37 -19.33 -10.38
N LYS B 101 -3.56 -20.62 -10.63
CA LYS B 101 -2.49 -21.42 -11.21
C LYS B 101 -2.71 -21.89 -12.66
N TYR B 102 -3.72 -21.35 -13.33
CA TYR B 102 -4.09 -21.84 -14.67
C TYR B 102 -3.88 -20.78 -15.74
N ASP B 103 -4.03 -19.53 -15.34
CA ASP B 103 -3.79 -18.40 -16.23
C ASP B 103 -2.40 -18.48 -16.84
N GLY B 104 -2.31 -18.44 -18.16
CA GLY B 104 -1.05 -18.60 -18.85
C GLY B 104 -0.48 -20.00 -18.80
N VAL B 105 -0.42 -20.60 -17.60
CA VAL B 105 0.25 -21.88 -17.42
C VAL B 105 -0.31 -22.99 -18.31
N VAL B 106 -1.63 -23.03 -18.45
CA VAL B 106 -2.26 -24.04 -19.29
C VAL B 106 -1.71 -24.01 -20.72
N GLY B 107 -1.46 -22.82 -21.25
CA GLY B 107 -0.98 -22.68 -22.62
C GLY B 107 0.49 -22.98 -22.82
N VAL B 108 1.24 -23.10 -21.72
CA VAL B 108 2.64 -23.49 -21.80
C VAL B 108 2.77 -24.98 -21.53
N LEU B 109 2.33 -25.41 -20.35
CA LEU B 109 2.35 -26.83 -20.01
C LEU B 109 1.50 -27.64 -20.98
N GLY B 110 0.39 -27.05 -21.41
CA GLY B 110 -0.53 -27.75 -22.32
C GLY B 110 0.03 -27.82 -23.73
N ALA B 111 0.85 -26.84 -24.10
CA ALA B 111 1.54 -26.88 -25.39
C ALA B 111 2.61 -27.95 -25.42
N ILE B 112 3.35 -28.09 -24.32
CA ILE B 112 4.32 -29.18 -24.21
C ILE B 112 3.60 -30.54 -24.26
N GLU B 113 2.48 -30.64 -23.56
CA GLU B 113 1.67 -31.86 -23.60
C GLU B 113 1.14 -32.11 -25.02
N ALA B 114 0.77 -31.05 -25.75
CA ALA B 114 0.35 -31.20 -27.15
C ALA B 114 1.44 -31.83 -28.01
N ILE B 115 2.69 -31.43 -27.78
CA ILE B 115 3.83 -32.07 -28.45
C ILE B 115 3.94 -33.55 -28.10
N ASN B 116 3.89 -33.86 -26.81
CA ASN B 116 3.93 -35.26 -26.37
C ASN B 116 2.79 -36.08 -26.95
N VAL B 117 1.60 -35.49 -27.02
CA VAL B 117 0.43 -36.14 -27.60
C VAL B 117 0.64 -36.47 -29.08
N LEU B 118 1.17 -35.50 -29.83
CA LEU B 118 1.40 -35.71 -31.26
C LEU B 118 2.48 -36.76 -31.50
N LYS B 119 3.52 -36.75 -30.66
CA LYS B 119 4.57 -37.75 -30.76
C LYS B 119 4.06 -39.16 -30.48
N ARG B 120 3.25 -39.30 -29.44
CA ARG B 120 2.64 -40.60 -29.12
C ARG B 120 1.81 -41.13 -30.29
N SER B 121 1.21 -40.23 -31.05
CA SER B 121 0.36 -40.61 -32.19
C SER B 121 1.13 -40.89 -33.47
N GLY B 122 2.45 -40.70 -33.44
CA GLY B 122 3.28 -40.92 -34.62
C GLY B 122 3.19 -39.81 -35.65
N PHE B 123 2.66 -38.66 -35.26
CA PHE B 123 2.57 -37.52 -36.17
C PHE B 123 3.95 -37.01 -36.58
N LYS B 124 4.11 -36.72 -37.87
CA LYS B 124 5.37 -36.20 -38.40
C LYS B 124 5.15 -34.82 -39.02
N PRO B 125 5.56 -33.77 -38.29
CA PRO B 125 5.32 -32.41 -38.81
C PRO B 125 6.14 -32.12 -40.07
N LYS B 126 5.52 -31.41 -41.01
CA LYS B 126 6.26 -30.92 -42.18
C LYS B 126 6.89 -29.59 -41.80
N ARG B 127 6.06 -28.60 -41.54
CA ARG B 127 6.54 -27.39 -40.86
C ARG B 127 6.89 -27.74 -39.42
N SER B 128 7.99 -27.17 -38.92
CA SER B 128 8.37 -27.37 -37.53
C SER B 128 7.31 -26.81 -36.59
N LEU B 129 7.23 -27.38 -35.39
CA LEU B 129 6.39 -26.82 -34.32
C LEU B 129 7.31 -26.22 -33.29
N GLU B 130 6.99 -25.00 -32.84
CA GLU B 130 7.81 -24.34 -31.84
C GLU B 130 6.96 -23.81 -30.70
N ILE B 131 7.34 -24.18 -29.48
CA ILE B 131 6.63 -23.71 -28.31
C ILE B 131 7.34 -22.49 -27.76
N ILE B 132 6.56 -21.46 -27.43
CA ILE B 132 7.11 -20.23 -26.89
C ILE B 132 6.66 -20.05 -25.44
N LEU B 133 7.62 -19.96 -24.53
CA LEU B 133 7.34 -19.45 -23.19
C LEU B 133 7.68 -17.97 -23.22
N PHE B 134 6.66 -17.13 -23.31
CA PHE B 134 6.87 -15.69 -23.32
C PHE B 134 7.47 -15.26 -22.00
N THR B 135 8.40 -14.32 -22.04
CA THR B 135 9.16 -14.00 -20.83
C THR B 135 8.27 -13.44 -19.70
N SER B 136 7.17 -12.78 -20.09
CA SER B 136 6.20 -12.25 -19.13
C SER B 136 5.01 -11.65 -19.89
N ALA B 137 3.79 -11.86 -19.39
CA ALA B 137 2.62 -11.19 -19.97
C ALA B 137 2.03 -10.15 -19.02
N GLU B 138 2.22 -10.33 -17.71
CA GLU B 138 1.57 -9.48 -16.72
C GLU B 138 2.36 -8.20 -16.48
N PRO B 139 1.65 -7.08 -16.25
CA PRO B 139 2.33 -5.77 -16.15
C PRO B 139 2.82 -5.45 -14.74
N THR B 140 2.86 -6.46 -13.86
CA THR B 140 3.14 -6.26 -12.45
C THR B 140 4.44 -5.52 -12.11
N ARG B 141 5.55 -5.98 -12.69
CA ARG B 141 6.83 -5.46 -12.25
C ARG B 141 7.16 -4.08 -12.80
N PHE B 142 6.96 -3.90 -14.11
CA PHE B 142 7.38 -2.66 -14.76
C PHE B 142 6.23 -1.83 -15.33
N GLY B 143 4.99 -2.23 -15.05
CA GLY B 143 3.84 -1.55 -15.61
C GLY B 143 3.59 -1.87 -17.07
N ILE B 144 4.41 -2.76 -17.64
CA ILE B 144 4.37 -3.09 -19.05
C ILE B 144 3.78 -4.49 -19.24
N SER B 145 2.65 -4.59 -19.92
CA SER B 145 2.05 -5.90 -20.18
C SER B 145 2.69 -6.52 -21.42
N CYS B 146 2.69 -7.85 -21.50
CA CYS B 146 3.20 -8.55 -22.68
C CYS B 146 4.56 -8.06 -23.16
N LEU B 147 5.48 -7.90 -22.22
CA LEU B 147 6.80 -7.34 -22.51
C LEU B 147 7.54 -8.14 -23.58
N GLY B 148 7.48 -9.46 -23.46
CA GLY B 148 8.16 -10.35 -24.40
C GLY B 148 7.56 -10.33 -25.79
N SER B 149 6.25 -10.50 -25.90
CA SER B 149 5.60 -10.47 -27.21
C SER B 149 5.56 -9.08 -27.86
N ARG B 150 5.55 -8.02 -27.07
CA ARG B 150 5.63 -6.67 -27.65
C ARG B 150 6.97 -6.47 -28.36
N LEU B 151 8.03 -7.04 -27.79
CA LEU B 151 9.36 -6.99 -28.40
C LEU B 151 9.48 -7.92 -29.61
N LEU B 152 8.93 -9.12 -29.49
CA LEU B 152 8.91 -10.05 -30.64
C LEU B 152 8.23 -9.37 -31.84
N ALA B 153 7.19 -8.61 -31.55
CA ALA B 153 6.46 -7.90 -32.61
C ALA B 153 7.12 -6.60 -33.06
N GLY B 154 8.31 -6.32 -32.52
CA GLY B 154 9.17 -5.27 -33.06
C GLY B 154 8.95 -3.85 -32.57
N SER B 155 8.51 -3.68 -31.33
CA SER B 155 8.34 -2.32 -30.79
C SER B 155 9.69 -1.67 -30.46
N LYS B 156 10.14 -0.77 -31.33
CA LYS B 156 11.41 -0.07 -31.09
C LYS B 156 11.28 0.86 -29.89
N GLU B 157 10.09 1.46 -29.75
CA GLU B 157 9.81 2.33 -28.61
C GLU B 157 10.01 1.62 -27.28
N LEU B 158 9.49 0.39 -27.20
CA LEU B 158 9.63 -0.39 -25.96
C LEU B 158 11.08 -0.80 -25.75
N ALA B 159 11.74 -1.20 -26.83
CA ALA B 159 13.15 -1.61 -26.75
C ALA B 159 14.00 -0.45 -26.22
N GLU B 160 13.68 0.75 -26.66
CA GLU B 160 14.43 1.95 -26.28
C GLU B 160 14.20 2.24 -24.79
N ALA B 161 12.93 2.34 -24.39
CA ALA B 161 12.57 2.54 -22.99
C ALA B 161 13.20 1.50 -22.05
N LEU B 162 13.13 0.22 -22.42
CA LEU B 162 13.73 -0.82 -21.59
C LEU B 162 15.24 -0.62 -21.43
N LYS B 163 15.89 -0.05 -22.44
CA LYS B 163 17.32 0.19 -22.35
C LYS B 163 17.66 1.42 -21.52
N THR B 164 16.72 2.36 -21.45
CA THR B 164 17.03 3.71 -20.97
C THR B 164 16.32 4.17 -19.68
N THR B 165 15.01 3.94 -19.58
CA THR B 165 14.23 4.57 -18.51
C THR B 165 13.51 3.60 -17.57
N VAL B 166 13.16 2.42 -18.06
CA VAL B 166 12.31 1.49 -17.31
C VAL B 166 12.93 0.94 -16.02
N VAL B 167 12.21 1.16 -14.92
CA VAL B 167 12.55 0.61 -13.62
C VAL B 167 11.27 0.12 -12.94
N ASP B 168 11.43 -0.76 -11.95
CA ASP B 168 10.27 -1.22 -11.19
C ASP B 168 10.01 -0.30 -10.00
N GLY B 169 9.09 -0.67 -9.13
CA GLY B 169 8.72 0.16 -7.99
C GLY B 169 9.80 0.23 -6.93
N GLN B 170 10.81 -0.63 -7.02
CA GLN B 170 11.94 -0.58 -6.11
C GLN B 170 13.15 0.06 -6.79
N ASN B 171 12.88 0.73 -7.90
CA ASN B 171 13.90 1.43 -8.69
C ASN B 171 14.98 0.50 -9.26
N VAL B 172 14.65 -0.77 -9.44
CA VAL B 172 15.54 -1.71 -10.11
C VAL B 172 15.30 -1.62 -11.60
N SER B 173 16.36 -1.42 -12.38
CA SER B 173 16.20 -1.27 -13.82
C SER B 173 15.85 -2.59 -14.50
N PHE B 174 15.19 -2.50 -15.65
CA PHE B 174 14.87 -3.70 -16.41
C PHE B 174 16.14 -4.52 -16.66
N ILE B 175 17.18 -3.84 -17.16
CA ILE B 175 18.45 -4.49 -17.46
C ILE B 175 19.07 -5.19 -16.25
N GLU B 176 19.06 -4.51 -15.11
CA GLU B 176 19.56 -5.08 -13.85
C GLU B 176 18.76 -6.33 -13.46
N ALA B 177 17.44 -6.22 -13.53
CA ALA B 177 16.58 -7.36 -13.21
C ALA B 177 16.81 -8.51 -14.20
N ALA B 178 16.83 -8.20 -15.49
CA ALA B 178 17.06 -9.20 -16.53
C ALA B 178 18.37 -9.95 -16.33
N ARG B 179 19.45 -9.20 -16.05
CA ARG B 179 20.76 -9.81 -15.85
C ARG B 179 20.82 -10.71 -14.63
N SER B 180 20.16 -10.33 -13.54
CA SER B 180 20.11 -11.18 -12.36
C SER B 180 19.49 -12.56 -12.66
N ALA B 181 18.56 -12.60 -13.61
CA ALA B 181 17.89 -13.84 -14.00
C ALA B 181 18.65 -14.57 -15.12
N GLY B 182 19.76 -13.98 -15.58
CA GLY B 182 20.63 -14.64 -16.54
C GLY B 182 20.43 -14.25 -17.99
N TYR B 183 19.79 -13.10 -18.21
CA TYR B 183 19.53 -12.63 -19.57
C TYR B 183 20.19 -11.28 -19.83
N ALA B 184 20.02 -10.77 -21.05
CA ALA B 184 20.50 -9.43 -21.44
C ALA B 184 21.98 -9.20 -21.09
N GLU B 185 22.81 -10.20 -21.36
CA GLU B 185 24.22 -10.10 -21.02
C GLU B 185 25.07 -9.53 -22.16
N ASP B 186 24.44 -8.68 -22.97
CA ASP B 186 25.15 -8.00 -24.05
C ASP B 186 24.99 -6.49 -23.91
N LYS B 187 26.09 -5.81 -23.61
CA LYS B 187 26.12 -4.36 -23.52
C LYS B 187 25.66 -3.71 -24.81
N ASP B 188 26.04 -4.33 -25.94
CA ASP B 188 25.91 -3.73 -27.26
C ASP B 188 24.62 -4.12 -27.98
N ASP B 189 23.67 -4.71 -27.26
CA ASP B 189 22.38 -5.06 -27.84
C ASP B 189 21.34 -4.02 -27.44
N ASP B 190 20.71 -3.39 -28.44
CA ASP B 190 19.62 -2.47 -28.19
C ASP B 190 18.28 -3.21 -28.06
N LEU B 191 18.38 -4.53 -27.90
CA LEU B 191 17.24 -5.45 -27.78
C LEU B 191 16.50 -5.68 -29.09
N SER B 192 16.99 -5.07 -30.18
CA SER B 192 16.41 -5.29 -31.50
C SER B 192 16.64 -6.74 -31.96
N SER B 193 17.56 -7.43 -31.29
CA SER B 193 17.84 -8.83 -31.60
C SER B 193 16.60 -9.70 -31.33
N VAL B 194 15.75 -9.24 -30.43
CA VAL B 194 14.53 -9.97 -30.06
C VAL B 194 13.50 -9.96 -31.20
N PHE B 195 13.49 -8.90 -32.00
CA PHE B 195 12.47 -8.69 -33.04
C PHE B 195 12.36 -9.87 -34.01
N LEU B 196 11.13 -10.30 -34.31
CA LEU B 196 10.90 -11.29 -35.36
C LEU B 196 10.46 -10.61 -36.66
N LYS B 197 10.90 -11.15 -37.79
CA LYS B 197 10.38 -10.72 -39.10
C LYS B 197 8.92 -11.10 -39.23
N LYS B 198 8.12 -10.20 -39.81
CA LYS B 198 6.76 -10.57 -40.19
C LYS B 198 6.84 -11.83 -41.06
N GLY B 199 5.96 -12.79 -40.82
CA GLY B 199 5.99 -14.05 -41.54
C GLY B 199 7.02 -15.09 -41.09
N SER B 200 7.83 -14.79 -40.07
CA SER B 200 8.80 -15.80 -39.62
C SER B 200 8.10 -17.04 -39.04
N TYR B 201 6.86 -16.85 -38.58
CA TYR B 201 5.99 -17.97 -38.24
C TYR B 201 4.82 -18.04 -39.21
N PHE B 202 4.46 -19.27 -39.61
CA PHE B 202 3.31 -19.52 -40.46
C PHE B 202 2.01 -19.15 -39.76
N ALA B 203 1.92 -19.49 -38.47
CA ALA B 203 0.77 -19.13 -37.65
C ALA B 203 1.19 -19.16 -36.20
N PHE B 204 0.41 -18.50 -35.34
CA PHE B 204 0.65 -18.59 -33.91
C PHE B 204 -0.67 -18.92 -33.21
N LEU B 205 -0.65 -19.94 -32.35
CA LEU B 205 -1.84 -20.32 -31.58
C LEU B 205 -1.60 -20.19 -30.07
N GLU B 206 -2.60 -19.75 -29.33
CA GLU B 206 -2.51 -19.75 -27.87
C GLU B 206 -3.71 -20.44 -27.23
N LEU B 207 -3.43 -21.49 -26.45
CA LEU B 207 -4.42 -22.14 -25.61
C LEU B 207 -4.49 -21.41 -24.27
N HIS B 208 -5.71 -21.10 -23.83
CA HIS B 208 -5.89 -20.30 -22.62
C HIS B 208 -7.23 -20.58 -21.97
N ILE B 209 -7.28 -20.52 -20.63
CA ILE B 209 -8.58 -20.58 -19.97
C ILE B 209 -9.40 -19.36 -20.40
N GLU B 210 -10.72 -19.53 -20.50
CA GLU B 210 -11.59 -18.44 -21.00
C GLU B 210 -11.51 -17.17 -20.17
N GLN B 211 -11.32 -17.34 -18.85
CA GLN B 211 -11.43 -16.23 -17.90
C GLN B 211 -12.80 -15.55 -17.96
N GLY B 212 -13.82 -16.32 -18.35
CA GLY B 212 -15.19 -15.86 -18.35
C GLY B 212 -16.07 -17.08 -18.16
N PRO B 213 -17.37 -16.88 -17.92
CA PRO B 213 -18.25 -18.00 -17.59
C PRO B 213 -19.03 -18.56 -18.78
N ILE B 214 -18.76 -18.05 -19.98
CA ILE B 214 -19.61 -18.35 -21.14
C ILE B 214 -19.65 -19.83 -21.53
N LEU B 215 -18.47 -20.44 -21.69
CA LEU B 215 -18.46 -21.84 -22.11
C LEU B 215 -19.10 -22.72 -21.04
N GLU B 216 -18.83 -22.40 -19.79
CA GLU B 216 -19.45 -23.15 -18.70
C GLU B 216 -20.97 -22.99 -18.71
N ASP B 217 -21.44 -21.75 -18.81
CA ASP B 217 -22.89 -21.48 -18.77
C ASP B 217 -23.60 -22.09 -19.96
N GLU B 218 -22.96 -22.07 -21.12
CA GLU B 218 -23.58 -22.60 -22.34
C GLU B 218 -23.41 -24.11 -22.49
N GLY B 219 -22.57 -24.71 -21.65
CA GLY B 219 -22.36 -26.15 -21.71
C GLY B 219 -21.49 -26.59 -22.89
N LEU B 220 -20.50 -25.77 -23.22
CA LEU B 220 -19.67 -25.99 -24.41
C LEU B 220 -18.24 -26.37 -24.03
N ASP B 221 -17.56 -27.13 -24.89
CA ASP B 221 -16.19 -27.56 -24.62
C ASP B 221 -15.10 -26.53 -24.96
N ILE B 222 -15.30 -25.80 -26.05
CA ILE B 222 -14.22 -25.03 -26.67
C ILE B 222 -14.71 -23.69 -27.18
N GLY B 223 -13.95 -22.63 -26.92
CA GLY B 223 -14.20 -21.36 -27.57
C GLY B 223 -13.19 -21.12 -28.68
N VAL B 224 -13.67 -20.86 -29.89
CA VAL B 224 -12.76 -20.48 -30.97
C VAL B 224 -12.70 -18.95 -31.00
N VAL B 225 -11.57 -18.39 -30.59
CA VAL B 225 -11.49 -16.93 -30.39
C VAL B 225 -11.40 -16.18 -31.72
N THR B 226 -12.25 -15.17 -31.89
CA THR B 226 -12.35 -14.42 -33.14
C THR B 226 -11.63 -13.09 -33.07
N ALA B 227 -11.50 -12.55 -31.86
CA ALA B 227 -10.86 -11.26 -31.66
C ALA B 227 -10.45 -11.05 -30.21
N ILE B 228 -9.61 -10.06 -29.98
CA ILE B 228 -9.15 -9.73 -28.64
C ILE B 228 -9.44 -8.25 -28.40
N ALA B 229 -10.08 -7.94 -27.26
CA ALA B 229 -10.49 -6.57 -26.94
C ALA B 229 -9.31 -5.61 -26.81
N ALA B 230 -9.55 -4.33 -27.08
CA ALA B 230 -8.52 -3.28 -27.08
C ALA B 230 -8.22 -2.78 -25.68
N PRO B 231 -6.99 -3.02 -25.19
CA PRO B 231 -6.68 -2.65 -23.80
C PRO B 231 -5.94 -1.33 -23.66
N ALA B 232 -6.22 -0.61 -22.57
CA ALA B 232 -5.44 0.58 -22.23
C ALA B 232 -5.22 0.64 -20.72
N SER B 233 -4.17 1.36 -20.31
CA SER B 233 -3.93 1.59 -18.90
C SER B 233 -3.36 2.98 -18.68
N LEU B 234 -3.68 3.56 -17.52
CA LEU B 234 -3.33 4.94 -17.20
C LEU B 234 -2.74 5.01 -15.81
N LYS B 235 -1.86 5.99 -15.58
CA LYS B 235 -1.37 6.30 -14.24
C LYS B 235 -1.71 7.76 -13.93
N VAL B 236 -2.24 7.99 -12.74
CA VAL B 236 -2.64 9.34 -12.33
C VAL B 236 -2.06 9.64 -10.94
N GLU B 237 -1.59 10.87 -10.74
CA GLU B 237 -1.17 11.32 -9.43
C GLU B 237 -1.75 12.69 -9.09
N PHE B 238 -2.20 12.85 -7.85
CA PHE B 238 -2.63 14.16 -7.34
C PHE B 238 -1.69 14.57 -6.20
N GLU B 239 -1.44 15.87 -6.05
CA GLU B 239 -0.57 16.37 -4.99
C GLU B 239 -1.27 17.46 -4.19
N GLY B 240 -1.20 17.35 -2.86
CA GLY B 240 -1.74 18.36 -1.97
C GLY B 240 -0.71 18.77 -0.93
N ASN B 241 -1.12 19.56 0.06
CA ASN B 241 -0.16 20.07 1.04
C ASN B 241 0.07 19.14 2.23
N GLY B 242 -0.88 18.25 2.48
CA GLY B 242 -0.79 17.34 3.62
C GLY B 242 -0.78 18.08 4.95
N GLY B 243 -0.39 17.36 6.00
CA GLY B 243 -0.32 17.95 7.31
C GLY B 243 -1.04 17.12 8.36
N HIS B 244 -1.23 17.73 9.51
CA HIS B 244 -1.72 17.04 10.69
C HIS B 244 -3.23 16.79 10.62
N ALA B 245 -3.62 15.53 10.61
CA ALA B 245 -5.04 15.17 10.46
C ALA B 245 -5.94 15.69 11.58
N GLY B 246 -5.37 15.90 12.78
CA GLY B 246 -6.17 16.38 13.90
C GLY B 246 -6.27 17.90 13.97
N ALA B 247 -5.29 18.58 13.39
CA ALA B 247 -5.15 20.02 13.60
C ALA B 247 -5.52 20.90 12.41
N VAL B 248 -5.33 20.40 11.19
CA VAL B 248 -5.71 21.18 10.01
C VAL B 248 -7.22 21.15 9.82
N LEU B 249 -7.86 22.31 9.95
CA LEU B 249 -9.32 22.36 9.90
C LEU B 249 -9.80 22.16 8.47
N MET B 250 -11.01 21.62 8.32
CA MET B 250 -11.51 21.22 6.98
C MET B 250 -11.41 22.27 5.86
N PRO B 251 -11.80 23.54 6.13
CA PRO B 251 -11.74 24.53 5.05
C PRO B 251 -10.35 24.72 4.43
N TYR B 252 -9.29 24.36 5.14
CA TYR B 252 -7.93 24.66 4.68
C TYR B 252 -7.25 23.49 3.98
N ARG B 253 -7.99 22.40 3.79
CA ARG B 253 -7.42 21.18 3.24
C ARG B 253 -7.44 21.10 1.72
N ASN B 254 -6.53 20.31 1.17
CA ASN B 254 -6.60 19.86 -0.21
C ASN B 254 -6.19 18.39 -0.25
N ASP B 255 -7.14 17.53 0.13
CA ASP B 255 -6.90 16.12 0.45
C ASP B 255 -6.73 15.32 -0.83
N ALA B 256 -5.51 14.81 -1.05
CA ALA B 256 -5.23 14.10 -2.29
C ALA B 256 -5.90 12.73 -2.34
N GLY B 257 -6.22 12.20 -1.17
CA GLY B 257 -6.89 10.90 -1.12
C GLY B 257 -8.34 11.01 -1.54
N LEU B 258 -8.96 12.12 -1.19
CA LEU B 258 -10.34 12.33 -1.59
C LEU B 258 -10.44 12.63 -3.08
N ALA B 259 -9.44 13.32 -3.63
CA ALA B 259 -9.35 13.49 -5.08
C ALA B 259 -9.28 12.13 -5.78
N ALA B 260 -8.46 11.23 -5.24
CA ALA B 260 -8.36 9.87 -5.78
C ALA B 260 -9.69 9.12 -5.70
N ALA B 261 -10.35 9.21 -4.55
CA ALA B 261 -11.66 8.57 -4.36
C ALA B 261 -12.64 9.06 -5.40
N GLU B 262 -12.66 10.36 -5.64
CA GLU B 262 -13.53 10.95 -6.64
C GLU B 262 -13.20 10.49 -8.06
N LEU B 263 -11.91 10.39 -8.38
CA LEU B 263 -11.53 9.93 -9.73
C LEU B 263 -11.92 8.46 -9.93
N ALA B 264 -11.74 7.63 -8.91
CA ALA B 264 -12.10 6.21 -9.02
C ALA B 264 -13.58 6.04 -9.34
N LEU B 265 -14.41 6.82 -8.66
CA LEU B 265 -15.84 6.79 -8.93
C LEU B 265 -16.18 7.35 -10.32
N ALA B 266 -15.41 8.32 -10.77
CA ALA B 266 -15.58 8.89 -12.11
C ALA B 266 -15.26 7.84 -13.18
N VAL B 267 -14.21 7.07 -12.96
CA VAL B 267 -13.87 5.96 -13.87
C VAL B 267 -15.09 5.05 -14.09
N GLU B 268 -15.68 4.59 -13.00
CA GLU B 268 -16.86 3.74 -13.07
C GLU B 268 -18.00 4.43 -13.82
N LYS B 269 -18.26 5.69 -13.48
CA LYS B 269 -19.32 6.45 -14.14
C LYS B 269 -19.13 6.54 -15.66
N HIS B 270 -17.90 6.83 -16.11
CA HIS B 270 -17.66 7.01 -17.54
C HIS B 270 -17.76 5.71 -18.31
N VAL B 271 -17.37 4.61 -17.67
CA VAL B 271 -17.54 3.29 -18.25
C VAL B 271 -19.03 3.01 -18.47
N LEU B 272 -19.83 3.26 -17.45
CA LEU B 272 -21.27 3.00 -17.56
C LEU B 272 -21.93 3.92 -18.58
N GLU B 273 -21.36 5.11 -18.78
CA GLU B 273 -21.89 6.05 -19.77
C GLU B 273 -21.79 5.55 -21.21
N SER B 274 -20.94 4.55 -21.47
CA SER B 274 -20.77 4.06 -22.85
C SER B 274 -22.03 3.35 -23.34
N GLU B 275 -22.86 2.92 -22.39
CA GLU B 275 -24.11 2.20 -22.68
C GLU B 275 -23.89 0.81 -23.26
N SER B 276 -22.65 0.34 -23.25
CA SER B 276 -22.36 -1.02 -23.72
C SER B 276 -21.78 -1.89 -22.63
N ILE B 277 -22.27 -3.13 -22.55
CA ILE B 277 -21.77 -4.08 -21.57
C ILE B 277 -20.35 -4.54 -21.87
N ASP B 278 -19.88 -4.29 -23.09
CA ASP B 278 -18.51 -4.67 -23.48
C ASP B 278 -17.43 -3.73 -22.93
N THR B 279 -17.85 -2.60 -22.35
CA THR B 279 -16.90 -1.63 -21.80
C THR B 279 -16.60 -1.94 -20.34
N VAL B 280 -15.31 -1.96 -19.99
CA VAL B 280 -14.90 -2.16 -18.60
C VAL B 280 -13.87 -1.10 -18.21
N GLY B 281 -13.81 -0.82 -16.92
CA GLY B 281 -12.80 0.05 -16.37
C GLY B 281 -12.65 -0.23 -14.88
N THR B 282 -11.42 -0.13 -14.38
CA THR B 282 -11.13 -0.54 -12.99
C THR B 282 -10.05 0.32 -12.38
N VAL B 283 -10.17 0.59 -11.08
CA VAL B 283 -9.02 1.12 -10.35
C VAL B 283 -8.48 -0.01 -9.47
N GLY B 284 -7.44 -0.69 -9.95
CA GLY B 284 -6.88 -1.82 -9.23
C GLY B 284 -5.82 -1.40 -8.23
N ILE B 285 -5.28 -0.21 -8.43
CA ILE B 285 -4.24 0.33 -7.56
C ILE B 285 -4.62 1.75 -7.15
N LEU B 286 -4.65 2.00 -5.84
CA LEU B 286 -4.88 3.34 -5.32
C LEU B 286 -4.04 3.44 -4.04
N GLU B 287 -2.98 4.24 -4.07
CA GLU B 287 -2.05 4.35 -2.94
C GLU B 287 -1.99 5.77 -2.39
N LEU B 288 -2.01 5.89 -1.07
CA LEU B 288 -1.85 7.20 -0.43
C LEU B 288 -0.46 7.39 0.17
N HIS B 289 0.03 8.63 0.12
CA HIS B 289 1.29 9.03 0.78
C HIS B 289 0.99 10.22 1.69
N PRO B 290 1.55 10.23 2.91
CA PRO B 290 2.49 9.24 3.47
C PRO B 290 1.83 7.93 3.88
N GLY B 291 0.51 7.87 3.89
CA GLY B 291 -0.17 6.63 4.27
C GLY B 291 -0.07 6.38 5.76
N ALA B 292 -0.39 7.39 6.55
CA ALA B 292 -0.47 7.24 8.01
C ALA B 292 -1.82 7.73 8.45
N ILE B 293 -2.41 7.08 9.45
CA ILE B 293 -3.78 7.39 9.85
C ILE B 293 -3.96 8.85 10.25
N ASN B 294 -2.91 9.45 10.83
CA ASN B 294 -3.00 10.83 11.33
C ASN B 294 -2.23 11.85 10.48
N SER B 295 -2.08 11.52 9.20
CA SER B 295 -1.40 12.40 8.25
C SER B 295 -2.31 12.57 7.03
N ILE B 296 -2.69 13.80 6.72
CA ILE B 296 -3.54 14.02 5.55
C ILE B 296 -2.76 13.70 4.28
N PRO B 297 -3.33 12.86 3.40
CA PRO B 297 -2.59 12.45 2.21
C PRO B 297 -2.18 13.64 1.37
N SER B 298 -0.89 13.72 1.08
CA SER B 298 -0.38 14.81 0.25
C SER B 298 -0.10 14.31 -1.16
N LYS B 299 -0.04 13.00 -1.34
CA LYS B 299 0.08 12.45 -2.68
C LYS B 299 -0.81 11.22 -2.80
N SER B 300 -1.50 11.10 -3.93
CA SER B 300 -2.25 9.89 -4.21
C SER B 300 -1.93 9.41 -5.61
N HIS B 301 -2.02 8.10 -5.81
CA HIS B 301 -1.54 7.46 -7.02
C HIS B 301 -2.58 6.42 -7.42
N LEU B 302 -3.08 6.51 -8.66
CA LEU B 302 -4.07 5.56 -9.16
C LEU B 302 -3.53 4.91 -10.42
N GLU B 303 -3.79 3.62 -10.58
CA GLU B 303 -3.50 2.94 -11.84
C GLU B 303 -4.80 2.34 -12.34
N ILE B 304 -5.18 2.75 -13.55
CA ILE B 304 -6.51 2.49 -14.07
C ILE B 304 -6.41 1.63 -15.31
N ASP B 305 -7.26 0.61 -15.38
CA ASP B 305 -7.31 -0.31 -16.52
C ASP B 305 -8.63 -0.04 -17.21
N THR B 306 -8.62 0.13 -18.54
CA THR B 306 -9.90 0.26 -19.26
C THR B 306 -9.82 -0.34 -20.66
N ARG B 307 -10.89 -1.03 -21.05
CA ARG B 307 -10.90 -1.79 -22.30
C ARG B 307 -12.27 -1.77 -22.94
N ASP B 308 -12.32 -2.09 -24.22
CA ASP B 308 -13.58 -2.30 -24.95
C ASP B 308 -13.20 -3.04 -26.23
N ILE B 309 -14.15 -3.79 -26.80
CA ILE B 309 -13.91 -4.41 -28.10
C ILE B 309 -13.86 -3.32 -29.17
N ASP B 310 -14.55 -2.21 -28.91
CA ASP B 310 -14.55 -1.07 -29.82
C ASP B 310 -13.56 -0.02 -29.36
N GLU B 311 -12.55 0.22 -30.18
CA GLU B 311 -11.44 1.09 -29.81
C GLU B 311 -11.92 2.51 -29.54
N ALA B 312 -12.77 3.02 -30.42
CA ALA B 312 -13.24 4.40 -30.28
C ALA B 312 -14.07 4.61 -29.02
N ARG B 313 -14.88 3.63 -28.66
CA ARG B 313 -15.73 3.75 -27.47
C ARG B 313 -14.88 3.75 -26.21
N ARG B 314 -13.81 2.97 -26.21
CA ARG B 314 -12.84 2.97 -25.11
C ARG B 314 -12.10 4.29 -25.01
N ASN B 315 -11.64 4.81 -26.15
CA ASN B 315 -10.92 6.07 -26.15
C ASN B 315 -11.77 7.21 -25.60
N THR B 316 -13.08 7.14 -25.81
CA THR B 316 -14.00 8.12 -25.26
C THR B 316 -14.01 8.08 -23.73
N VAL B 317 -14.00 6.88 -23.17
CA VAL B 317 -13.89 6.71 -21.72
C VAL B 317 -12.59 7.33 -21.22
N ILE B 318 -11.49 7.06 -21.92
CA ILE B 318 -10.19 7.60 -21.55
C ILE B 318 -10.19 9.15 -21.56
N LYS B 319 -10.76 9.75 -22.60
CA LYS B 319 -10.87 11.20 -22.66
C LYS B 319 -11.70 11.77 -21.51
N LYS B 320 -12.83 11.12 -21.19
CA LYS B 320 -13.66 11.60 -20.08
C LYS B 320 -12.94 11.48 -18.74
N ILE B 321 -12.16 10.41 -18.57
CA ILE B 321 -11.41 10.23 -17.33
C ILE B 321 -10.38 11.35 -17.15
N GLN B 322 -9.74 11.74 -18.24
CA GLN B 322 -8.78 12.85 -18.19
C GLN B 322 -9.47 14.16 -17.84
N GLU B 323 -10.65 14.38 -18.40
CA GLU B 323 -11.44 15.58 -18.10
C GLU B 323 -11.87 15.60 -16.64
N SER B 324 -12.29 14.44 -16.13
CA SER B 324 -12.71 14.35 -14.74
C SER B 324 -11.54 14.58 -13.79
N ALA B 325 -10.37 14.07 -14.14
CA ALA B 325 -9.18 14.26 -13.31
C ALA B 325 -8.84 15.75 -13.18
N ASN B 326 -8.98 16.48 -14.27
CA ASN B 326 -8.71 17.93 -14.23
C ASN B 326 -9.76 18.70 -13.41
N THR B 327 -11.03 18.34 -13.60
CA THR B 327 -12.13 18.97 -12.87
C THR B 327 -11.99 18.71 -11.38
N ILE B 328 -11.67 17.46 -11.03
CA ILE B 328 -11.47 17.09 -9.62
C ILE B 328 -10.30 17.85 -9.02
N ALA B 329 -9.19 17.90 -9.75
CA ALA B 329 -8.00 18.60 -9.25
C ALA B 329 -8.32 20.06 -8.91
N LYS B 330 -9.02 20.73 -9.82
CA LYS B 330 -9.39 22.13 -9.61
C LYS B 330 -10.37 22.28 -8.46
N LYS B 331 -11.34 21.37 -8.36
CA LYS B 331 -12.32 21.48 -7.28
C LYS B 331 -11.69 21.19 -5.92
N ARG B 332 -10.80 20.20 -5.87
CA ARG B 332 -10.14 19.81 -4.63
C ARG B 332 -8.96 20.72 -4.31
N LYS B 333 -8.58 21.55 -5.29
CA LYS B 333 -7.43 22.44 -5.16
C LYS B 333 -6.13 21.68 -4.97
N VAL B 334 -6.03 20.53 -5.66
CA VAL B 334 -4.79 19.79 -5.71
C VAL B 334 -4.18 19.90 -7.10
N LYS B 335 -2.89 19.60 -7.21
CA LYS B 335 -2.25 19.55 -8.51
C LYS B 335 -2.48 18.18 -9.13
N LEU B 336 -2.87 18.16 -10.40
CA LEU B 336 -2.86 16.90 -11.16
C LEU B 336 -1.41 16.74 -11.64
N SER B 337 -0.61 16.06 -10.84
CA SER B 337 0.84 16.05 -11.05
C SER B 337 1.29 15.04 -12.10
N GLU B 338 0.43 14.07 -12.38
CA GLU B 338 0.70 13.13 -13.47
C GLU B 338 -0.59 12.62 -14.06
N PHE B 339 -0.66 12.58 -15.39
CA PHE B 339 -1.69 11.84 -16.09
C PHE B 339 -1.02 11.21 -17.31
N LYS B 340 -0.76 9.92 -17.22
CA LYS B 340 0.03 9.26 -18.25
C LYS B 340 -0.69 8.05 -18.81
N ILE B 341 -0.86 8.01 -20.13
CA ILE B 341 -1.40 6.84 -20.78
C ILE B 341 -0.26 5.85 -20.97
N VAL B 342 -0.23 4.80 -20.15
CA VAL B 342 0.89 3.85 -20.19
C VAL B 342 0.87 3.01 -21.47
N ASN B 343 -0.32 2.54 -21.83
CA ASN B 343 -0.50 1.87 -23.11
C ASN B 343 -1.92 2.08 -23.57
N GLN B 344 -2.10 2.04 -24.89
CA GLN B 344 -3.40 2.25 -25.50
C GLN B 344 -3.33 1.49 -26.81
N ASP B 345 -3.73 0.22 -26.79
CA ASP B 345 -3.46 -0.69 -27.90
C ASP B 345 -4.75 -1.03 -28.63
N PRO B 346 -4.66 -1.26 -29.94
CA PRO B 346 -5.83 -1.63 -30.74
C PRO B 346 -6.20 -3.08 -30.48
N PRO B 347 -7.43 -3.47 -30.86
CA PRO B 347 -7.81 -4.88 -30.76
C PRO B 347 -7.11 -5.69 -31.86
N ALA B 348 -7.13 -7.01 -31.77
CA ALA B 348 -6.65 -7.84 -32.88
C ALA B 348 -7.74 -8.80 -33.37
N LEU B 349 -7.68 -9.16 -34.65
CA LEU B 349 -8.59 -10.16 -35.19
C LEU B 349 -7.83 -11.46 -35.42
N SER B 350 -8.44 -12.57 -35.02
CA SER B 350 -7.91 -13.88 -35.34
C SER B 350 -8.00 -14.13 -36.84
N ASP B 351 -7.05 -14.89 -37.37
CA ASP B 351 -6.99 -15.17 -38.79
C ASP B 351 -8.12 -16.12 -39.21
N LYS B 352 -8.80 -15.82 -40.32
CA LYS B 352 -9.99 -16.58 -40.72
C LYS B 352 -9.69 -18.04 -41.05
N LEU B 353 -8.53 -18.30 -41.64
CA LEU B 353 -8.14 -19.67 -41.96
C LEU B 353 -7.78 -20.46 -40.67
N VAL B 354 -7.11 -19.79 -39.73
CA VAL B 354 -6.82 -20.42 -38.43
C VAL B 354 -8.11 -20.78 -37.72
N ILE B 355 -9.06 -19.84 -37.69
CA ILE B 355 -10.37 -20.06 -37.08
C ILE B 355 -11.05 -21.29 -37.70
N LYS B 356 -11.01 -21.37 -39.03
CA LYS B 356 -11.62 -22.51 -39.72
C LYS B 356 -10.97 -23.84 -39.32
N LYS B 357 -9.65 -23.88 -39.24
CA LYS B 357 -8.94 -25.12 -38.93
C LYS B 357 -9.21 -25.52 -37.48
N MET B 358 -9.28 -24.52 -36.61
CA MET B 358 -9.55 -24.76 -35.20
C MET B 358 -10.94 -25.32 -34.99
N ALA B 359 -11.93 -24.75 -35.67
CA ALA B 359 -13.31 -25.23 -35.57
C ALA B 359 -13.47 -26.62 -36.16
N GLU B 360 -12.74 -26.88 -37.25
CA GLU B 360 -12.70 -28.22 -37.83
C GLU B 360 -12.14 -29.21 -36.83
N ALA B 361 -11.06 -28.81 -36.16
CA ALA B 361 -10.39 -29.69 -35.20
C ALA B 361 -11.36 -30.06 -34.07
N ALA B 362 -12.03 -29.06 -33.53
CA ALA B 362 -12.99 -29.30 -32.44
C ALA B 362 -14.08 -30.25 -32.92
N THR B 363 -14.52 -30.08 -34.17
CA THR B 363 -15.59 -30.91 -34.70
C THR B 363 -15.14 -32.36 -34.91
N GLU B 364 -13.93 -32.55 -35.44
CA GLU B 364 -13.38 -33.89 -35.62
C GLU B 364 -13.18 -34.60 -34.29
N LEU B 365 -13.02 -33.82 -33.24
CA LEU B 365 -12.82 -34.37 -31.89
C LEU B 365 -14.13 -34.50 -31.12
N ASN B 366 -15.25 -34.23 -31.79
CA ASN B 366 -16.56 -34.28 -31.16
C ASN B 366 -16.69 -33.36 -29.95
N LEU B 367 -16.09 -32.17 -30.08
CA LEU B 367 -16.16 -31.17 -29.02
C LEU B 367 -17.06 -30.02 -29.47
N SER B 368 -18.03 -29.65 -28.65
CA SER B 368 -18.90 -28.53 -28.96
C SER B 368 -18.10 -27.24 -28.88
N HIS B 369 -18.49 -26.25 -29.66
CA HIS B 369 -17.73 -25.01 -29.67
C HIS B 369 -18.57 -23.82 -30.10
N LYS B 370 -18.08 -22.63 -29.77
CA LYS B 370 -18.63 -21.39 -30.35
C LYS B 370 -17.48 -20.47 -30.70
N MET B 371 -17.72 -19.58 -31.64
CA MET B 371 -16.84 -18.45 -31.91
C MET B 371 -17.15 -17.35 -30.90
N MET B 372 -16.09 -16.75 -30.34
CA MET B 372 -16.29 -15.76 -29.29
C MET B 372 -15.10 -14.84 -29.16
N ILE B 373 -15.32 -13.70 -28.52
CA ILE B 373 -14.28 -12.68 -28.34
C ILE B 373 -13.55 -12.89 -27.03
N SER B 374 -12.25 -12.55 -26.99
CA SER B 374 -11.51 -12.53 -25.74
C SER B 374 -11.59 -11.14 -25.13
N ARG B 375 -12.00 -11.07 -23.87
CA ARG B 375 -12.08 -9.79 -23.15
C ARG B 375 -10.73 -9.41 -22.53
N ALA B 376 -10.04 -10.41 -21.98
CA ALA B 376 -8.68 -10.22 -21.49
C ALA B 376 -7.75 -10.08 -22.69
N TYR B 377 -6.57 -9.49 -22.48
CA TYR B 377 -5.55 -9.49 -23.53
C TYR B 377 -4.55 -10.62 -23.29
N HIS B 378 -3.75 -10.92 -24.30
CA HIS B 378 -2.83 -12.06 -24.25
C HIS B 378 -1.66 -11.77 -25.15
N ASP B 379 -0.62 -12.60 -25.05
CA ASP B 379 0.50 -12.49 -25.99
C ASP B 379 0.04 -12.59 -27.45
N SER B 380 -1.04 -13.33 -27.69
CA SER B 380 -1.64 -13.43 -29.02
C SER B 380 -2.00 -12.07 -29.62
N LEU B 381 -2.32 -11.10 -28.76
CA LEU B 381 -2.67 -9.76 -29.23
C LEU B 381 -1.51 -9.17 -30.04
N PHE B 382 -0.28 -9.39 -29.58
CA PHE B 382 0.90 -8.86 -30.27
C PHE B 382 1.50 -9.79 -31.30
N MET B 383 1.35 -11.09 -31.09
CA MET B 383 1.83 -12.06 -32.07
C MET B 383 1.04 -11.91 -33.36
N ALA B 384 -0.21 -11.44 -33.25
CA ALA B 384 -1.02 -11.18 -34.43
C ALA B 384 -0.40 -10.18 -35.40
N ARG B 385 0.58 -9.40 -34.93
CA ARG B 385 1.21 -8.39 -35.78
C ARG B 385 2.30 -9.01 -36.65
N ILE B 386 2.74 -10.21 -36.27
CA ILE B 386 3.84 -10.94 -36.90
C ILE B 386 3.32 -12.10 -37.74
N SER B 387 2.16 -12.62 -37.37
CA SER B 387 1.74 -13.91 -37.88
C SER B 387 0.23 -14.06 -37.78
N PRO B 388 -0.37 -14.86 -38.69
CA PRO B 388 -1.77 -15.26 -38.48
C PRO B 388 -1.94 -15.84 -37.08
N MET B 389 -2.98 -15.42 -36.38
CA MET B 389 -3.16 -15.76 -34.98
C MET B 389 -4.49 -16.43 -34.73
N GLY B 390 -4.53 -17.27 -33.71
CA GLY B 390 -5.80 -17.77 -33.18
C GLY B 390 -5.64 -18.18 -31.72
N MET B 391 -6.75 -18.29 -31.01
CA MET B 391 -6.70 -18.76 -29.64
C MET B 391 -7.76 -19.83 -29.41
N ILE B 392 -7.42 -20.79 -28.56
CA ILE B 392 -8.36 -21.80 -28.09
C ILE B 392 -8.70 -21.52 -26.63
N PHE B 393 -9.98 -21.26 -26.35
CA PHE B 393 -10.44 -21.11 -24.97
C PHE B 393 -10.97 -22.44 -24.46
N ILE B 394 -10.69 -22.75 -23.20
CA ILE B 394 -11.35 -23.84 -22.49
C ILE B 394 -12.17 -23.21 -21.37
N PRO B 395 -13.19 -23.94 -20.88
CA PRO B 395 -13.98 -23.38 -19.78
C PRO B 395 -13.18 -23.25 -18.49
N CYS B 396 -13.62 -22.36 -17.63
CA CYS B 396 -13.09 -22.31 -16.27
C CYS B 396 -14.24 -22.00 -15.32
N TYR B 397 -14.11 -22.49 -14.09
CA TYR B 397 -15.16 -22.45 -13.10
C TYR B 397 -15.67 -21.04 -12.81
N LYS B 398 -16.94 -20.80 -13.11
CA LYS B 398 -17.59 -19.51 -12.86
C LYS B 398 -16.87 -18.32 -13.49
N GLY B 399 -15.96 -18.63 -14.42
CA GLY B 399 -15.18 -17.60 -15.08
C GLY B 399 -14.11 -16.97 -14.23
N TYR B 400 -13.93 -17.45 -13.01
CA TYR B 400 -12.92 -16.88 -12.09
C TYR B 400 -11.50 -16.84 -12.69
N SER B 401 -10.85 -15.68 -12.57
CA SER B 401 -9.43 -15.57 -12.92
C SER B 401 -8.78 -14.41 -12.16
N HIS B 402 -7.45 -14.43 -12.08
CA HIS B 402 -6.70 -13.46 -11.26
C HIS B 402 -7.07 -13.56 -9.80
N LYS B 403 -7.45 -14.76 -9.35
CA LYS B 403 -7.71 -15.00 -7.93
C LYS B 403 -7.57 -16.51 -7.69
N PRO B 404 -7.31 -16.91 -6.44
CA PRO B 404 -7.00 -18.33 -6.20
C PRO B 404 -8.16 -19.29 -6.49
N GLU B 405 -9.38 -18.79 -6.68
CA GLU B 405 -10.53 -19.66 -6.95
C GLU B 405 -10.58 -20.11 -8.41
N GLU B 406 -9.71 -19.54 -9.24
CA GLU B 406 -9.57 -19.90 -10.65
C GLU B 406 -9.35 -21.40 -10.79
N TYR B 407 -10.08 -22.03 -11.71
CA TYR B 407 -10.05 -23.48 -11.85
C TYR B 407 -10.51 -23.93 -13.22
N SER B 408 -9.75 -24.83 -13.82
CA SER B 408 -10.20 -25.49 -15.04
C SER B 408 -9.93 -26.98 -14.80
N SER B 409 -10.90 -27.82 -15.13
CA SER B 409 -10.80 -29.25 -14.81
C SER B 409 -9.75 -29.94 -15.66
N PRO B 410 -9.24 -31.09 -15.18
CA PRO B 410 -8.30 -31.88 -15.99
C PRO B 410 -8.87 -32.22 -17.35
N GLU B 411 -10.16 -32.51 -17.41
CA GLU B 411 -10.79 -32.82 -18.68
C GLU B 411 -10.85 -31.61 -19.61
N ASP B 412 -11.22 -30.46 -19.06
CA ASP B 412 -11.26 -29.23 -19.86
C ASP B 412 -9.90 -28.95 -20.46
N MET B 413 -8.85 -29.12 -19.65
CA MET B 413 -7.50 -28.87 -20.12
C MET B 413 -7.12 -29.88 -21.21
N ALA B 414 -7.43 -31.16 -20.98
CA ALA B 414 -7.15 -32.18 -21.99
C ALA B 414 -7.86 -31.92 -23.33
N ASN B 415 -9.13 -31.48 -23.27
CA ASN B 415 -9.85 -31.11 -24.48
C ASN B 415 -9.16 -29.98 -25.24
N GLY B 416 -8.70 -28.96 -24.52
CA GLY B 416 -7.98 -27.87 -25.15
C GLY B 416 -6.66 -28.34 -25.75
N VAL B 417 -5.96 -29.23 -25.05
CA VAL B 417 -4.70 -29.77 -25.55
C VAL B 417 -4.92 -30.57 -26.84
N LYS B 418 -6.00 -31.35 -26.89
CA LYS B 418 -6.33 -32.12 -28.11
C LYS B 418 -6.64 -31.20 -29.30
N VAL B 419 -7.41 -30.14 -29.05
CA VAL B 419 -7.70 -29.16 -30.12
C VAL B 419 -6.42 -28.46 -30.57
N LEU B 420 -5.56 -28.11 -29.62
CA LEU B 420 -4.26 -27.54 -29.96
C LEU B 420 -3.42 -28.49 -30.83
N SER B 421 -3.31 -29.74 -30.39
CA SER B 421 -2.55 -30.75 -31.10
C SER B 421 -3.04 -30.88 -32.54
N LEU B 422 -4.35 -31.02 -32.69
CA LEU B 422 -4.93 -31.27 -34.01
C LEU B 422 -4.83 -30.03 -34.90
N THR B 423 -4.96 -28.84 -34.30
CA THR B 423 -4.82 -27.61 -35.09
C THR B 423 -3.37 -27.39 -35.52
N LEU B 424 -2.41 -27.63 -34.63
CA LEU B 424 -1.00 -27.57 -35.00
C LEU B 424 -0.70 -28.54 -36.14
N ALA B 425 -1.22 -29.75 -36.04
CA ALA B 425 -0.99 -30.77 -37.08
C ALA B 425 -1.54 -30.33 -38.44
N LYS B 426 -2.76 -29.78 -38.44
CA LYS B 426 -3.37 -29.27 -39.68
C LYS B 426 -2.53 -28.16 -40.30
N LEU B 427 -2.07 -27.24 -39.46
CA LEU B 427 -1.29 -26.09 -39.97
C LEU B 427 0.12 -26.50 -40.39
N SER B 428 0.67 -27.51 -39.72
CA SER B 428 2.02 -28.00 -40.08
C SER B 428 2.02 -28.63 -41.48
N LEU B 429 0.89 -29.22 -41.86
CA LEU B 429 0.78 -29.97 -43.13
C LEU B 429 -0.06 -29.24 -44.16
N ASP B 430 0.05 -27.93 -44.24
CA ASP B 430 -0.85 -27.15 -45.08
C ASP B 430 -0.90 -27.60 -46.57
MN MN C . 3.41 15.04 19.48
MN MN D . 2.29 13.76 16.18
OXT HGY E . -2.19 12.70 15.73
C HGY E . -1.85 13.29 16.80
O HGY E . -2.65 14.05 17.43
CA HGY E . -0.44 13.17 17.29
OB HGY E . 0.32 12.33 16.48
N HGY E . -0.30 12.81 18.68
MN MN F . -2.96 -15.02 -19.36
MN MN G . -3.61 -12.71 -16.57
OXT HGY H . -4.92 -8.23 -17.88
C HGY H . -5.03 -9.17 -18.70
O HGY H . -5.84 -9.07 -19.66
CA HGY H . -4.26 -10.44 -18.52
OB HGY H . -3.46 -10.34 -17.40
N HGY H . -3.43 -10.74 -19.64
#